data_9QCG
#
_entry.id   9QCG
#
_cell.length_a   75.305
_cell.length_b   75.305
_cell.length_c   270.065
_cell.angle_alpha   90.000
_cell.angle_beta   90.000
_cell.angle_gamma   90.000
#
_symmetry.space_group_name_H-M   'P 41 21 2'
#
loop_
_entity.id
_entity.type
_entity.pdbx_description
1 polymer 'Malate dehydrogenase'
2 non-polymer 'NADPH DIHYDRO-NICOTINAMIDE-ADENINE-DINUCLEOTIDE PHOSPHATE'
3 non-polymer 'CHLORIDE ION'
4 non-polymer 'POTASSIUM ION'
5 water water
#
_entity_poly.entity_id   1
_entity_poly.type   'polypeptide(L)'
_entity_poly.pdbx_seq_one_letter_code
;MSKVAVIGATGRVGSTAAARLALLDCVNEVTLIARPKSVDKLRGLRRDILHSLAAAQKDAEITIGCERDDYVDADVIVMT
AGIPQKPGQTRLDLTKDNAAIIKKYLEGVAEENPEAIVLVVTNPVDVLTYVALKVSGLPKNRVIGSGTHLDSMRFKVLIA
KHFNVHMSEVHTRIIGEHGDTMVPVISSTSVGGIPVTRMPGWEDFDVEEAVREVKEAGQRIIETWGGTQFGIAQAITNLV
RTILQDERRVLTVSAYLDGEIDGIRDVCIGVPARLGREGVLEIVPIELEEDEMRAFRRSVKVVKEATREAMEAISER
;
_entity_poly.pdbx_strand_id   A,B
#
loop_
_chem_comp.id
_chem_comp.type
_chem_comp.name
_chem_comp.formula
CL non-polymer 'CHLORIDE ION' 'Cl -1'
K non-polymer 'POTASSIUM ION' 'K 1'
NDP non-polymer 'NADPH DIHYDRO-NICOTINAMIDE-ADENINE-DINUCLEOTIDE PHOSPHATE' 'C21 H30 N7 O17 P3'
#
# COMPACT_ATOMS: atom_id res chain seq x y z
N SER A 2 -20.32 2.13 4.35
CA SER A 2 -20.20 2.73 2.98
C SER A 2 -19.50 1.76 2.04
N LYS A 3 -19.89 1.80 0.76
CA LYS A 3 -19.32 0.95 -0.27
C LYS A 3 -18.63 1.83 -1.30
N VAL A 4 -17.40 1.48 -1.65
CA VAL A 4 -16.60 2.20 -2.62
C VAL A 4 -16.25 1.25 -3.76
N ALA A 5 -16.58 1.64 -4.99
CA ALA A 5 -16.27 0.86 -6.17
C ALA A 5 -15.04 1.46 -6.86
N VAL A 6 -14.18 0.58 -7.36
CA VAL A 6 -12.97 0.99 -8.06
C VAL A 6 -13.00 0.37 -9.46
N ILE A 7 -13.23 1.18 -10.47
CA ILE A 7 -13.24 0.72 -11.85
C ILE A 7 -11.81 0.78 -12.38
N GLY A 8 -11.33 -0.34 -12.89
CA GLY A 8 -9.93 -0.46 -13.24
C GLY A 8 -9.08 -1.03 -12.12
N ALA A 9 -9.65 -1.87 -11.26
CA ALA A 9 -8.90 -2.40 -10.12
C ALA A 9 -7.75 -3.30 -10.56
N THR A 10 -7.75 -3.79 -11.80
CA THR A 10 -6.66 -4.61 -12.29
C THR A 10 -5.38 -3.82 -12.52
N GLY A 11 -5.47 -2.49 -12.62
CA GLY A 11 -4.33 -1.68 -12.96
C GLY A 11 -3.44 -1.35 -11.77
N ARG A 12 -2.37 -0.61 -12.05
CA ARG A 12 -1.47 -0.18 -10.99
C ARG A 12 -2.16 0.73 -10.00
N VAL A 13 -2.96 1.67 -10.48
CA VAL A 13 -3.62 2.62 -9.60
C VAL A 13 -4.85 2.00 -8.96
N GLY A 14 -5.61 1.21 -9.72
CA GLY A 14 -6.82 0.62 -9.18
C GLY A 14 -6.53 -0.38 -8.07
N SER A 15 -5.55 -1.25 -8.29
CA SER A 15 -5.22 -2.25 -7.28
C SER A 15 -4.73 -1.60 -5.98
N THR A 16 -3.76 -0.68 -6.12
CA THR A 16 -3.18 -0.05 -4.94
C THR A 16 -4.20 0.78 -4.18
N ALA A 17 -5.04 1.54 -4.91
CA ALA A 17 -6.03 2.37 -4.24
C ALA A 17 -7.05 1.53 -3.49
N ALA A 18 -7.47 0.40 -4.09
CA ALA A 18 -8.42 -0.48 -3.41
C ALA A 18 -7.82 -1.05 -2.13
N ALA A 19 -6.53 -1.44 -2.18
CA ALA A 19 -5.90 -2.04 -1.00
C ALA A 19 -5.90 -1.07 0.18
N ARG A 20 -5.56 0.20 -0.07
CA ARG A 20 -5.52 1.18 1.00
C ARG A 20 -6.90 1.72 1.37
N LEU A 21 -7.89 1.60 0.48
CA LEU A 21 -9.23 2.06 0.79
C LEU A 21 -9.95 1.10 1.73
N ALA A 22 -9.66 -0.19 1.62
CA ALA A 22 -10.27 -1.17 2.52
C ALA A 22 -9.74 -1.04 3.94
N LEU A 23 -8.59 -0.39 4.13
CA LEU A 23 -8.05 -0.18 5.47
C LEU A 23 -8.75 0.95 6.22
N LEU A 24 -9.46 1.82 5.52
CA LEU A 24 -10.18 2.90 6.20
C LEU A 24 -11.33 2.32 7.03
N ASP A 25 -11.47 2.81 8.27
CA ASP A 25 -12.55 2.34 9.12
C ASP A 25 -13.92 2.72 8.59
N CYS A 26 -14.01 3.79 7.80
CA CYS A 26 -15.29 4.25 7.27
C CYS A 26 -15.71 3.50 6.00
N VAL A 27 -14.85 2.62 5.48
CA VAL A 27 -15.14 1.85 4.27
C VAL A 27 -15.45 0.42 4.70
N ASN A 28 -16.73 0.04 4.58
CA ASN A 28 -17.16 -1.30 4.96
C ASN A 28 -17.10 -2.30 3.81
N GLU A 29 -17.18 -1.83 2.56
CA GLU A 29 -17.14 -2.70 1.40
C GLU A 29 -16.39 -2.02 0.27
N VAL A 30 -15.54 -2.78 -0.42
CA VAL A 30 -14.86 -2.32 -1.63
C VAL A 30 -15.18 -3.30 -2.75
N THR A 31 -15.69 -2.77 -3.85
CA THR A 31 -16.06 -3.56 -5.02
C THR A 31 -15.02 -3.35 -6.11
N LEU A 32 -14.47 -4.45 -6.63
CA LEU A 32 -13.45 -4.41 -7.66
C LEU A 32 -14.12 -4.66 -9.01
N ILE A 33 -13.94 -3.71 -9.93
CA ILE A 33 -14.61 -3.73 -11.23
C ILE A 33 -13.54 -3.73 -12.31
N ALA A 34 -13.69 -4.64 -13.28
CA ALA A 34 -12.83 -4.68 -14.45
C ALA A 34 -13.65 -5.21 -15.61
N ARG A 35 -13.04 -5.23 -16.80
CA ARG A 35 -13.71 -5.80 -17.95
C ARG A 35 -13.92 -7.30 -17.73
N PRO A 36 -14.91 -7.89 -18.40
CA PRO A 36 -15.25 -9.29 -18.11
C PRO A 36 -14.08 -10.26 -18.25
N LYS A 37 -13.13 -9.99 -19.14
CA LYS A 37 -12.02 -10.89 -19.38
C LYS A 37 -10.95 -10.83 -18.29
N SER A 38 -11.20 -10.06 -17.22
CA SER A 38 -10.24 -9.93 -16.12
C SER A 38 -10.88 -10.25 -14.78
N VAL A 39 -11.97 -11.02 -14.75
CA VAL A 39 -12.59 -11.38 -13.49
C VAL A 39 -11.71 -12.33 -12.69
N ASP A 40 -11.03 -13.25 -13.38
CA ASP A 40 -10.16 -14.20 -12.68
C ASP A 40 -9.02 -13.47 -11.98
N LYS A 41 -8.42 -12.50 -12.66
CA LYS A 41 -7.36 -11.72 -12.03
C LYS A 41 -7.89 -10.97 -10.80
N LEU A 42 -9.14 -10.49 -10.88
CA LEU A 42 -9.72 -9.79 -9.75
C LEU A 42 -9.96 -10.73 -8.57
N ARG A 43 -10.18 -12.03 -8.84
CA ARG A 43 -10.32 -12.98 -7.75
C ARG A 43 -9.04 -13.07 -6.95
N GLY A 44 -7.90 -13.11 -7.63
CA GLY A 44 -6.62 -13.15 -6.93
C GLY A 44 -6.36 -11.88 -6.17
N LEU A 45 -6.68 -10.72 -6.75
CA LEU A 45 -6.51 -9.46 -6.05
C LEU A 45 -7.39 -9.39 -4.80
N ARG A 46 -8.57 -10.01 -4.85
CA ARG A 46 -9.44 -10.04 -3.69
C ARG A 46 -8.82 -10.85 -2.55
N ARG A 47 -8.23 -12.01 -2.88
CA ARG A 47 -7.62 -12.84 -1.85
C ARG A 47 -6.40 -12.14 -1.24
N ASP A 48 -5.59 -11.50 -2.08
CA ASP A 48 -4.41 -10.80 -1.59
C ASP A 48 -4.79 -9.67 -0.64
N ILE A 49 -5.79 -8.86 -1.02
CA ILE A 49 -6.19 -7.73 -0.18
C ILE A 49 -6.76 -8.23 1.14
N LEU A 50 -7.55 -9.31 1.10
CA LEU A 50 -8.07 -9.87 2.34
C LEU A 50 -6.94 -10.34 3.25
N HIS A 51 -5.84 -10.82 2.65
CA HIS A 51 -4.68 -11.20 3.44
C HIS A 51 -4.07 -9.97 4.13
N SER A 52 -4.03 -8.83 3.44
CA SER A 52 -3.49 -7.62 4.06
C SER A 52 -4.39 -7.16 5.20
N LEU A 53 -5.71 -7.29 5.04
CA LEU A 53 -6.62 -6.89 6.12
C LEU A 53 -6.41 -7.75 7.35
N ALA A 54 -6.22 -9.07 7.15
CA ALA A 54 -5.94 -9.95 8.29
C ALA A 54 -4.65 -9.54 8.99
N ALA A 55 -3.62 -9.21 8.22
CA ALA A 55 -2.36 -8.80 8.82
C ALA A 55 -2.51 -7.48 9.58
N ALA A 56 -3.33 -6.57 9.07
CA ALA A 56 -3.54 -5.27 9.70
C ALA A 56 -4.61 -5.31 10.79
N GLN A 57 -5.23 -6.46 11.02
CA GLN A 57 -6.28 -6.59 12.03
C GLN A 57 -7.43 -5.63 11.75
N LYS A 58 -7.72 -5.43 10.46
CA LYS A 58 -8.84 -4.61 10.02
C LYS A 58 -9.79 -5.47 9.19
N ASP A 59 -11.02 -4.99 9.05
CA ASP A 59 -12.07 -5.77 8.41
C ASP A 59 -12.72 -4.98 7.28
N ALA A 60 -13.11 -5.69 6.22
CA ALA A 60 -13.82 -5.11 5.10
C ALA A 60 -14.25 -6.23 4.17
N GLU A 61 -15.41 -6.05 3.54
CA GLU A 61 -15.93 -7.01 2.57
C GLU A 61 -15.48 -6.61 1.17
N ILE A 62 -14.86 -7.55 0.46
CA ILE A 62 -14.36 -7.32 -0.89
C ILE A 62 -15.23 -8.11 -1.85
N THR A 63 -15.82 -7.43 -2.82
CA THR A 63 -16.69 -8.04 -3.81
C THR A 63 -16.06 -7.90 -5.19
N ILE A 64 -16.60 -8.63 -6.15
CA ILE A 64 -16.10 -8.64 -7.52
C ILE A 64 -17.28 -8.45 -8.46
N GLY A 65 -17.02 -7.78 -9.58
CA GLY A 65 -18.05 -7.56 -10.57
C GLY A 65 -17.47 -7.06 -11.86
N CYS A 66 -18.25 -7.23 -12.94
CA CYS A 66 -17.87 -6.72 -14.25
C CYS A 66 -19.06 -6.08 -14.96
N GLU A 67 -20.11 -5.71 -14.22
CA GLU A 67 -21.34 -5.20 -14.81
C GLU A 67 -21.75 -3.92 -14.11
N ARG A 68 -22.63 -3.17 -14.77
CA ARG A 68 -23.08 -1.89 -14.23
C ARG A 68 -23.79 -2.08 -12.90
N ASP A 69 -24.58 -3.14 -12.76
CA ASP A 69 -25.33 -3.36 -11.53
C ASP A 69 -24.44 -3.59 -10.32
N ASP A 70 -23.16 -3.90 -10.53
CA ASP A 70 -22.26 -4.21 -9.42
C ASP A 70 -21.74 -2.97 -8.71
N TYR A 71 -21.83 -1.79 -9.34
CA TYR A 71 -21.25 -0.57 -8.77
C TYR A 71 -22.16 0.65 -8.81
N VAL A 72 -23.36 0.54 -9.38
CA VAL A 72 -24.19 1.74 -9.55
C VAL A 72 -24.75 2.20 -8.21
N ASP A 73 -24.95 1.28 -7.26
CA ASP A 73 -25.49 1.62 -5.96
C ASP A 73 -24.41 1.96 -4.94
N ALA A 74 -23.16 2.11 -5.37
CA ALA A 74 -22.09 2.46 -4.46
C ALA A 74 -22.24 3.91 -4.00
N ASP A 75 -21.67 4.19 -2.82
CA ASP A 75 -21.65 5.56 -2.33
C ASP A 75 -20.61 6.40 -3.06
N VAL A 76 -19.43 5.83 -3.32
CA VAL A 76 -18.36 6.52 -4.04
C VAL A 76 -17.85 5.60 -5.14
N ILE A 77 -17.70 6.14 -6.34
CA ILE A 77 -17.18 5.40 -7.49
C ILE A 77 -15.89 6.09 -7.92
N VAL A 78 -14.81 5.32 -7.92
CA VAL A 78 -13.47 5.82 -8.26
C VAL A 78 -13.13 5.29 -9.65
N MET A 79 -12.80 6.20 -10.56
CA MET A 79 -12.53 5.87 -11.95
C MET A 79 -11.03 5.89 -12.16
N THR A 80 -10.41 4.70 -12.12
CA THR A 80 -8.99 4.56 -12.36
C THR A 80 -8.69 3.84 -13.67
N ALA A 81 -9.71 3.50 -14.45
CA ALA A 81 -9.55 2.74 -15.68
C ALA A 81 -9.27 3.67 -16.84
N GLY A 82 -8.27 3.33 -17.64
CA GLY A 82 -7.95 4.09 -18.83
C GLY A 82 -6.59 3.71 -19.35
N ILE A 83 -6.31 4.17 -20.56
CA ILE A 83 -5.00 3.96 -21.18
C ILE A 83 -4.00 4.91 -20.51
N PRO A 84 -2.79 4.45 -20.17
CA PRO A 84 -1.81 5.36 -19.56
C PRO A 84 -0.80 5.91 -20.57
N LEU A 94 -4.77 10.55 -26.07
CA LEU A 94 -5.11 10.23 -24.68
C LEU A 94 -6.57 10.60 -24.38
N THR A 95 -6.88 11.89 -24.50
CA THR A 95 -8.21 12.36 -24.15
C THR A 95 -9.29 11.66 -24.98
N LYS A 96 -9.04 11.48 -26.28
CA LYS A 96 -10.06 10.88 -27.14
C LYS A 96 -10.39 9.46 -26.68
N ASP A 97 -9.35 8.63 -26.47
CA ASP A 97 -9.59 7.23 -26.13
C ASP A 97 -10.21 7.10 -24.74
N ASN A 98 -9.70 7.85 -23.77
CA ASN A 98 -10.22 7.75 -22.40
C ASN A 98 -11.61 8.34 -22.26
N ALA A 99 -11.97 9.29 -23.14
CA ALA A 99 -13.30 9.88 -23.07
C ALA A 99 -14.37 8.83 -23.33
N ALA A 100 -14.13 7.93 -24.29
CA ALA A 100 -15.07 6.86 -24.54
C ALA A 100 -15.20 5.93 -23.33
N ILE A 101 -14.09 5.64 -22.67
CA ILE A 101 -14.13 4.75 -21.51
C ILE A 101 -15.01 5.34 -20.41
N ILE A 102 -14.89 6.65 -20.18
CA ILE A 102 -15.72 7.30 -19.16
C ILE A 102 -17.20 7.21 -19.53
N LYS A 103 -17.53 7.42 -20.80
CA LYS A 103 -18.93 7.35 -21.22
C LYS A 103 -19.51 5.97 -20.97
N LYS A 104 -18.75 4.91 -21.27
CA LYS A 104 -19.28 3.57 -21.14
C LYS A 104 -19.76 3.29 -19.72
N TYR A 105 -18.99 3.72 -18.73
CA TYR A 105 -19.26 3.33 -17.35
C TYR A 105 -20.19 4.28 -16.61
N LEU A 106 -20.14 5.58 -16.88
CA LEU A 106 -20.85 6.56 -16.07
C LEU A 106 -22.11 7.11 -16.72
N GLU A 107 -22.41 6.73 -17.96
CA GLU A 107 -23.57 7.28 -18.65
C GLU A 107 -24.85 6.85 -17.95
N GLY A 108 -25.65 7.82 -17.52
CA GLY A 108 -26.96 7.56 -16.95
C GLY A 108 -26.96 7.12 -15.51
N VAL A 109 -25.83 7.25 -14.80
CA VAL A 109 -25.75 6.73 -13.43
C VAL A 109 -26.78 7.42 -12.53
N ALA A 110 -27.12 8.68 -12.83
CA ALA A 110 -28.08 9.39 -11.99
C ALA A 110 -29.45 8.71 -12.01
N GLU A 111 -29.81 8.08 -13.14
CA GLU A 111 -31.12 7.44 -13.24
C GLU A 111 -31.29 6.36 -12.19
N GLU A 112 -30.21 5.65 -11.86
CA GLU A 112 -30.29 4.52 -10.94
C GLU A 112 -29.97 4.94 -9.50
N ASN A 113 -28.81 5.55 -9.30
CA ASN A 113 -28.40 6.09 -7.99
C ASN A 113 -28.08 7.57 -8.14
N PRO A 114 -29.06 8.46 -7.95
CA PRO A 114 -28.78 9.90 -8.07
C PRO A 114 -27.92 10.46 -6.96
N GLU A 115 -27.71 9.72 -5.87
CA GLU A 115 -26.92 10.20 -4.74
C GLU A 115 -25.47 9.72 -4.80
N ALA A 116 -25.03 9.17 -5.93
CA ALA A 116 -23.66 8.70 -6.04
C ALA A 116 -22.69 9.87 -6.13
N ILE A 117 -21.45 9.60 -5.73
CA ILE A 117 -20.34 10.54 -5.87
C ILE A 117 -19.29 9.88 -6.74
N VAL A 118 -18.87 10.57 -7.80
CA VAL A 118 -17.87 10.06 -8.74
C VAL A 118 -16.59 10.87 -8.57
N LEU A 119 -15.49 10.16 -8.33
CA LEU A 119 -14.15 10.74 -8.32
C LEU A 119 -13.40 10.19 -9.53
N VAL A 120 -12.89 11.09 -10.37
CA VAL A 120 -12.23 10.71 -11.62
C VAL A 120 -10.73 10.85 -11.42
N VAL A 121 -10.00 9.76 -11.71
CA VAL A 121 -8.55 9.77 -11.64
C VAL A 121 -7.91 9.67 -13.03
N THR A 122 -8.59 9.07 -14.00
CA THR A 122 -8.01 8.90 -15.33
C THR A 122 -7.58 10.24 -15.90
N ASN A 123 -6.35 10.28 -16.45
CA ASN A 123 -5.89 11.50 -17.07
C ASN A 123 -6.34 11.57 -18.52
N PRO A 124 -6.58 12.79 -19.06
CA PRO A 124 -6.51 14.11 -18.41
C PRO A 124 -7.61 14.25 -17.36
N VAL A 125 -7.24 14.46 -16.09
CA VAL A 125 -8.20 14.37 -15.01
C VAL A 125 -9.24 15.49 -15.12
N ASP A 126 -8.80 16.73 -15.38
CA ASP A 126 -9.74 17.84 -15.46
C ASP A 126 -10.74 17.63 -16.60
N VAL A 127 -10.24 17.26 -17.78
CA VAL A 127 -11.12 17.11 -18.93
C VAL A 127 -12.11 15.98 -18.70
N LEU A 128 -11.63 14.84 -18.20
CA LEU A 128 -12.51 13.70 -18.00
C LEU A 128 -13.46 13.89 -16.83
N THR A 129 -13.15 14.80 -15.90
CA THR A 129 -14.12 15.13 -14.86
C THR A 129 -15.34 15.82 -15.49
N TYR A 130 -15.11 16.70 -16.46
CA TYR A 130 -16.22 17.32 -17.18
C TYR A 130 -17.01 16.26 -17.94
N VAL A 131 -16.32 15.35 -18.62
CA VAL A 131 -17.01 14.30 -19.37
C VAL A 131 -17.89 13.48 -18.45
N ALA A 132 -17.36 13.07 -17.30
CA ALA A 132 -18.13 12.24 -16.39
C ALA A 132 -19.37 12.95 -15.90
N LEU A 133 -19.26 14.25 -15.61
CA LEU A 133 -20.42 15.00 -15.13
C LEU A 133 -21.50 15.08 -16.21
N LYS A 134 -21.11 15.27 -17.47
CA LYS A 134 -22.09 15.42 -18.53
C LYS A 134 -22.82 14.11 -18.82
N VAL A 135 -22.07 13.01 -18.95
CA VAL A 135 -22.68 11.75 -19.31
C VAL A 135 -23.49 11.18 -18.15
N SER A 136 -23.09 11.46 -16.92
CA SER A 136 -23.75 10.87 -15.77
C SER A 136 -25.10 11.53 -15.50
N GLY A 137 -25.21 12.82 -15.74
CA GLY A 137 -26.41 13.55 -15.35
C GLY A 137 -26.50 13.82 -13.87
N LEU A 138 -25.40 13.66 -13.15
CA LEU A 138 -25.37 13.87 -11.71
C LEU A 138 -25.27 15.35 -11.38
N PRO A 139 -25.60 15.73 -10.15
CA PRO A 139 -25.41 17.13 -9.74
C PRO A 139 -23.95 17.55 -9.86
N LYS A 140 -23.74 18.85 -10.09
CA LYS A 140 -22.39 19.36 -10.26
C LYS A 140 -21.53 19.18 -9.02
N ASN A 141 -22.15 19.04 -7.85
CA ASN A 141 -21.43 18.86 -6.60
C ASN A 141 -21.09 17.41 -6.29
N ARG A 142 -21.60 16.46 -7.08
CA ARG A 142 -21.37 15.05 -6.81
C ARG A 142 -20.35 14.42 -7.75
N VAL A 143 -19.75 15.20 -8.65
CA VAL A 143 -18.73 14.70 -9.57
C VAL A 143 -17.50 15.58 -9.41
N ILE A 144 -16.36 14.98 -9.11
CA ILE A 144 -15.10 15.68 -8.87
C ILE A 144 -13.97 14.83 -9.40
N GLY A 145 -12.76 15.38 -9.34
CA GLY A 145 -11.57 14.65 -9.73
C GLY A 145 -10.41 14.95 -8.80
N SER A 146 -9.42 14.05 -8.84
CA SER A 146 -8.27 14.20 -7.96
C SER A 146 -7.56 15.53 -8.21
N GLY A 147 -7.41 15.90 -9.48
CA GLY A 147 -6.89 17.22 -9.81
C GLY A 147 -5.51 17.44 -9.25
N THR A 148 -5.35 18.58 -8.56
CA THR A 148 -4.06 19.01 -8.04
C THR A 148 -3.92 18.76 -6.54
N HIS A 149 -4.70 17.83 -5.98
CA HIS A 149 -4.62 17.59 -4.55
C HIS A 149 -3.24 17.07 -4.15
N LEU A 150 -2.72 16.09 -4.87
CA LEU A 150 -1.41 15.56 -4.55
C LEU A 150 -0.30 16.56 -4.89
N ASP A 151 -0.48 17.33 -5.96
CA ASP A 151 0.51 18.35 -6.30
C ASP A 151 0.60 19.41 -5.21
N SER A 152 -0.54 19.81 -4.67
CA SER A 152 -0.55 20.75 -3.55
C SER A 152 0.07 20.14 -2.31
N MET A 153 -0.11 18.84 -2.11
CA MET A 153 0.41 18.17 -0.92
C MET A 153 1.93 18.15 -0.91
N ARG A 154 2.54 17.88 -2.07
CA ARG A 154 3.99 17.81 -2.14
C ARG A 154 4.62 19.19 -2.09
N PHE A 155 3.96 20.19 -2.71
CA PHE A 155 4.40 21.57 -2.56
C PHE A 155 4.37 21.99 -1.09
N LYS A 156 3.37 21.51 -0.35
CA LYS A 156 3.28 21.80 1.08
C LYS A 156 4.46 21.22 1.85
N VAL A 157 4.87 19.99 1.52
CA VAL A 157 6.00 19.38 2.20
C VAL A 157 7.28 20.15 1.91
N LEU A 158 7.49 20.56 0.65
CA LEU A 158 8.70 21.28 0.32
C LEU A 158 8.82 22.57 1.12
N ILE A 159 7.71 23.31 1.24
CA ILE A 159 7.73 24.55 2.01
C ILE A 159 8.03 24.26 3.47
N ALA A 160 7.40 23.22 4.03
CA ALA A 160 7.60 22.90 5.44
C ALA A 160 9.05 22.57 5.72
N LYS A 161 9.69 21.81 4.83
CA LYS A 161 11.10 21.48 5.03
C LYS A 161 11.98 22.72 4.95
N HIS A 162 11.65 23.66 4.05
CA HIS A 162 12.43 24.89 3.95
C HIS A 162 12.44 25.64 5.26
N PHE A 163 11.27 25.84 5.87
CA PHE A 163 11.18 26.53 7.14
C PHE A 163 11.40 25.61 8.33
N ASN A 164 11.64 24.32 8.09
CA ASN A 164 11.89 23.36 9.16
C ASN A 164 10.77 23.41 10.19
N VAL A 165 9.53 23.30 9.70
CA VAL A 165 8.35 23.34 10.55
C VAL A 165 7.53 22.08 10.29
N HIS A 166 6.63 21.79 11.22
CA HIS A 166 5.71 20.67 11.06
C HIS A 166 4.84 20.89 9.83
N MET A 167 4.51 19.80 9.13
CA MET A 167 3.75 19.91 7.89
C MET A 167 2.39 20.53 8.13
N SER A 168 1.76 20.22 9.27
CA SER A 168 0.45 20.78 9.57
C SER A 168 0.47 22.29 9.65
N GLU A 169 1.65 22.90 9.84
CA GLU A 169 1.75 24.35 9.93
C GLU A 169 1.66 25.03 8.58
N VAL A 170 1.83 24.29 7.49
CA VAL A 170 1.88 24.87 6.15
C VAL A 170 0.55 24.61 5.46
N HIS A 171 -0.07 25.68 4.97
CA HIS A 171 -1.27 25.60 4.14
C HIS A 171 -0.95 26.25 2.79
N THR A 172 -1.12 25.49 1.72
CA THR A 172 -0.83 25.98 0.39
C THR A 172 -1.62 25.16 -0.61
N ARG A 173 -1.66 25.63 -1.85
CA ARG A 173 -2.44 24.96 -2.87
C ARG A 173 -1.91 25.34 -4.24
N ILE A 174 -2.08 24.42 -5.19
CA ILE A 174 -1.81 24.65 -6.60
C ILE A 174 -3.12 24.42 -7.35
N ILE A 175 -3.61 25.45 -8.00
CA ILE A 175 -4.88 25.41 -8.71
C ILE A 175 -4.61 25.33 -10.20
N GLY A 176 -5.68 25.11 -10.97
CA GLY A 176 -5.57 25.04 -12.40
C GLY A 176 -5.47 23.61 -12.91
N GLU A 177 -4.86 23.45 -14.08
CA GLU A 177 -4.76 22.12 -14.68
C GLU A 177 -3.71 21.29 -13.96
N HIS A 178 -3.99 19.98 -13.84
CA HIS A 178 -2.99 19.01 -13.40
C HIS A 178 -2.05 18.73 -14.58
N GLY A 179 -1.18 19.71 -14.84
CA GLY A 179 -0.28 19.66 -15.96
C GLY A 179 0.68 20.83 -15.97
N ASP A 180 1.10 21.25 -17.18
CA ASP A 180 2.13 22.28 -17.28
C ASP A 180 1.60 23.68 -16.95
N THR A 181 0.28 23.89 -17.00
CA THR A 181 -0.30 25.20 -16.74
C THR A 181 -0.79 25.35 -15.30
N MET A 182 -0.28 24.55 -14.38
CA MET A 182 -0.69 24.67 -12.98
C MET A 182 -0.19 25.98 -12.40
N VAL A 183 -0.91 26.48 -11.39
CA VAL A 183 -0.65 27.80 -10.85
C VAL A 183 -0.51 27.73 -9.33
N PRO A 184 0.69 27.87 -8.78
CA PRO A 184 0.81 27.97 -7.33
C PRO A 184 0.26 29.31 -6.82
N VAL A 185 -0.45 29.25 -5.71
CA VAL A 185 -1.06 30.44 -5.13
C VAL A 185 -0.26 30.86 -3.90
N ILE A 186 0.74 31.72 -4.10
CA ILE A 186 1.51 32.23 -2.98
C ILE A 186 0.66 33.17 -2.15
N SER A 187 -0.27 33.89 -2.77
CA SER A 187 -1.10 34.85 -2.05
C SER A 187 -1.89 34.18 -0.93
N SER A 188 -2.15 32.87 -1.05
CA SER A 188 -2.88 32.12 -0.05
C SER A 188 -2.02 30.99 0.51
N THR A 189 -0.74 31.26 0.73
CA THR A 189 0.18 30.33 1.37
C THR A 189 0.61 30.92 2.71
N SER A 190 0.51 30.13 3.78
CA SER A 190 0.79 30.59 5.12
C SER A 190 1.51 29.51 5.91
N VAL A 191 2.31 29.95 6.88
CA VAL A 191 3.00 29.06 7.81
C VAL A 191 2.63 29.53 9.22
N GLY A 192 1.84 28.71 9.92
CA GLY A 192 1.35 29.08 11.23
C GLY A 192 0.38 30.23 11.21
N GLY A 193 -0.28 30.48 10.08
CA GLY A 193 -1.15 31.61 9.91
C GLY A 193 -0.47 32.86 9.39
N ILE A 194 0.86 32.88 9.36
CA ILE A 194 1.62 34.03 8.89
C ILE A 194 1.79 33.91 7.38
N PRO A 195 1.43 34.91 6.59
CA PRO A 195 1.68 34.83 5.14
C PRO A 195 3.14 34.51 4.87
N VAL A 196 3.36 33.56 3.97
CA VAL A 196 4.72 33.06 3.72
C VAL A 196 5.60 34.19 3.21
N THR A 197 5.03 35.18 2.54
CA THR A 197 5.81 36.32 2.07
C THR A 197 6.42 37.08 3.24
N ARG A 198 5.69 37.19 4.34
CA ARG A 198 6.18 37.85 5.54
C ARG A 198 7.01 36.92 6.42
N MET A 199 7.17 35.65 6.03
CA MET A 199 7.88 34.68 6.87
C MET A 199 9.40 34.83 6.67
N PRO A 200 10.18 34.87 7.75
CA PRO A 200 11.64 34.96 7.58
C PRO A 200 12.18 33.76 6.83
N GLY A 201 13.07 34.03 5.88
CA GLY A 201 13.65 32.99 5.06
C GLY A 201 12.93 32.69 3.78
N TRP A 202 11.77 33.33 3.54
CA TRP A 202 11.03 33.08 2.31
C TRP A 202 11.85 33.46 1.09
N GLU A 203 12.71 34.48 1.21
CA GLU A 203 13.52 34.91 0.07
C GLU A 203 14.43 33.80 -0.43
N ASP A 204 14.92 32.94 0.47
CA ASP A 204 15.82 31.86 0.09
C ASP A 204 15.09 30.69 -0.56
N PHE A 205 13.76 30.72 -0.62
CA PHE A 205 12.98 29.67 -1.24
C PHE A 205 12.84 29.93 -2.73
N ASP A 206 13.24 28.96 -3.55
CA ASP A 206 13.21 29.08 -5.00
C ASP A 206 11.87 28.52 -5.49
N VAL A 207 10.89 29.40 -5.62
CA VAL A 207 9.55 28.97 -6.03
C VAL A 207 9.61 28.28 -7.40
N GLU A 208 10.39 28.83 -8.32
CA GLU A 208 10.48 28.24 -9.66
C GLU A 208 11.02 26.82 -9.59
N GLU A 209 12.05 26.60 -8.76
CA GLU A 209 12.61 25.25 -8.62
C GLU A 209 11.58 24.29 -8.05
N ALA A 210 10.84 24.70 -7.03
CA ALA A 210 9.86 23.82 -6.40
C ALA A 210 8.74 23.44 -7.37
N VAL A 211 8.24 24.42 -8.13
CA VAL A 211 7.17 24.14 -9.08
C VAL A 211 7.67 23.20 -10.17
N ARG A 212 8.92 23.35 -10.57
CA ARG A 212 9.51 22.45 -11.56
C ARG A 212 9.55 21.01 -11.05
N GLU A 213 9.94 20.82 -9.78
CA GLU A 213 9.94 19.48 -9.23
C GLU A 213 8.54 18.86 -9.22
N VAL A 214 7.53 19.66 -8.85
CA VAL A 214 6.17 19.14 -8.75
C VAL A 214 5.62 18.77 -10.12
N LYS A 215 5.78 19.66 -11.10
CA LYS A 215 5.11 19.46 -12.39
C LYS A 215 5.77 18.37 -13.21
N GLU A 216 7.07 18.15 -13.03
CA GLU A 216 7.81 17.21 -13.86
C GLU A 216 8.00 15.84 -13.21
N ALA A 217 7.76 15.74 -11.90
CA ALA A 217 7.96 14.45 -11.23
C ALA A 217 7.12 13.35 -11.86
N GLY A 218 5.98 13.70 -12.45
CA GLY A 218 5.17 12.68 -13.11
C GLY A 218 5.89 12.03 -14.28
N GLN A 219 6.52 12.86 -15.12
CA GLN A 219 7.26 12.32 -16.26
C GLN A 219 8.48 11.54 -15.81
N ARG A 220 9.17 12.04 -14.77
CA ARG A 220 10.35 11.35 -14.27
C ARG A 220 9.98 9.95 -13.75
N ILE A 221 8.88 9.85 -13.02
CA ILE A 221 8.43 8.56 -12.50
C ILE A 221 8.02 7.63 -13.64
N ILE A 222 7.36 8.16 -14.66
CA ILE A 222 6.84 7.30 -15.73
C ILE A 222 7.97 6.65 -16.51
N GLU A 223 8.98 7.43 -16.88
CA GLU A 223 10.05 6.91 -17.73
C GLU A 223 10.89 5.85 -17.04
N THR A 224 10.93 5.83 -15.70
CA THR A 224 11.74 4.87 -14.96
C THR A 224 10.89 3.78 -14.31
N TRP A 225 9.94 4.17 -13.44
CA TRP A 225 9.15 3.19 -12.72
C TRP A 225 7.96 2.69 -13.53
N GLY A 226 7.47 3.50 -14.48
CA GLY A 226 6.32 3.10 -15.28
C GLY A 226 5.12 4.00 -15.08
N GLY A 227 4.87 4.40 -13.84
CA GLY A 227 3.77 5.31 -13.55
C GLY A 227 3.67 5.54 -12.07
N THR A 228 2.78 6.47 -11.70
CA THR A 228 2.51 6.76 -10.31
C THR A 228 1.60 5.67 -9.73
N GLN A 229 2.03 5.06 -8.63
CA GLN A 229 1.26 4.02 -7.98
C GLN A 229 0.88 4.32 -6.54
N PHE A 230 1.84 4.63 -5.69
CA PHE A 230 1.57 4.79 -4.27
C PHE A 230 1.09 6.20 -3.92
N GLY A 231 1.71 7.22 -4.51
CA GLY A 231 1.30 8.58 -4.23
C GLY A 231 -0.15 8.83 -4.58
N ILE A 232 -0.55 8.43 -5.79
CA ILE A 232 -1.92 8.67 -6.23
C ILE A 232 -2.90 7.81 -5.43
N ALA A 233 -2.51 6.58 -5.11
CA ALA A 233 -3.40 5.70 -4.35
C ALA A 233 -3.69 6.27 -2.97
N GLN A 234 -2.66 6.79 -2.30
CA GLN A 234 -2.86 7.43 -1.00
C GLN A 234 -3.76 8.66 -1.12
N ALA A 235 -3.59 9.44 -2.20
CA ALA A 235 -4.42 10.61 -2.41
C ALA A 235 -5.90 10.24 -2.51
N ILE A 236 -6.21 9.16 -3.25
CA ILE A 236 -7.60 8.71 -3.35
C ILE A 236 -8.14 8.35 -1.97
N THR A 237 -7.32 7.71 -1.15
CA THR A 237 -7.74 7.40 0.21
C THR A 237 -8.04 8.69 0.99
N ASN A 238 -7.22 9.72 0.79
CA ASN A 238 -7.44 10.99 1.46
C ASN A 238 -8.79 11.59 1.07
N LEU A 239 -9.08 11.65 -0.24
CA LEU A 239 -10.30 12.28 -0.70
C LEU A 239 -11.54 11.51 -0.24
N VAL A 240 -11.51 10.18 -0.34
CA VAL A 240 -12.68 9.38 0.00
C VAL A 240 -12.97 9.44 1.49
N ARG A 241 -11.91 9.40 2.31
CA ARG A 241 -12.12 9.52 3.76
C ARG A 241 -12.71 10.88 4.11
N THR A 242 -12.23 11.94 3.45
CA THR A 242 -12.77 13.27 3.71
C THR A 242 -14.26 13.33 3.43
N ILE A 243 -14.69 12.75 2.31
CA ILE A 243 -16.10 12.82 1.94
C ILE A 243 -16.95 11.97 2.89
N LEU A 244 -16.53 10.73 3.12
CA LEU A 244 -17.39 9.80 3.85
C LEU A 244 -17.51 10.16 5.33
N GLN A 245 -16.56 10.89 5.87
CA GLN A 245 -16.60 11.32 7.26
C GLN A 245 -17.02 12.78 7.41
N ASP A 246 -17.46 13.41 6.32
CA ASP A 246 -17.96 14.78 6.35
C ASP A 246 -17.03 15.69 7.14
N GLU A 247 -15.76 15.69 6.71
CA GLU A 247 -14.71 16.39 7.45
C GLU A 247 -14.64 17.88 7.13
N ARG A 248 -15.16 18.31 5.98
CA ARG A 248 -15.23 19.73 5.62
C ARG A 248 -13.84 20.36 5.51
N ARG A 249 -12.92 19.64 4.88
CA ARG A 249 -11.60 20.20 4.58
C ARG A 249 -11.63 20.93 3.25
N VAL A 250 -10.77 21.95 3.15
CA VAL A 250 -10.61 22.72 1.92
C VAL A 250 -9.49 22.07 1.13
N LEU A 251 -9.86 21.29 0.12
CA LEU A 251 -8.90 20.59 -0.74
C LEU A 251 -8.99 21.13 -2.15
N THR A 252 -7.94 20.87 -2.94
CA THR A 252 -7.87 21.32 -4.32
C THR A 252 -8.21 20.14 -5.21
N VAL A 253 -9.44 20.14 -5.74
CA VAL A 253 -9.94 19.07 -6.58
C VAL A 253 -10.53 19.68 -7.85
N SER A 254 -10.62 18.85 -8.89
CA SER A 254 -11.25 19.27 -10.13
C SER A 254 -12.76 19.31 -9.94
N ALA A 255 -13.35 20.50 -10.08
CA ALA A 255 -14.77 20.70 -9.86
C ALA A 255 -15.31 21.67 -10.90
N TYR A 256 -16.63 21.65 -11.07
CA TYR A 256 -17.30 22.48 -12.07
C TYR A 256 -17.40 23.92 -11.56
N LEU A 257 -16.76 24.83 -12.28
CA LEU A 257 -16.81 26.25 -11.93
C LEU A 257 -18.06 26.89 -12.53
N ASP A 258 -18.75 27.68 -11.71
CA ASP A 258 -19.93 28.42 -12.12
C ASP A 258 -19.77 29.90 -11.76
N GLY A 259 -18.60 30.45 -12.08
CA GLY A 259 -18.36 31.87 -11.89
C GLY A 259 -17.98 32.29 -10.49
N GLU A 260 -17.49 31.37 -9.66
CA GLU A 260 -17.07 31.75 -8.31
C GLU A 260 -15.69 32.42 -8.31
N ILE A 261 -14.85 32.13 -9.30
CA ILE A 261 -13.52 32.72 -9.41
C ILE A 261 -13.46 33.49 -10.71
N ASP A 262 -13.52 34.83 -10.62
CA ASP A 262 -13.38 35.72 -11.77
C ASP A 262 -14.46 35.51 -12.82
N GLY A 263 -15.61 34.96 -12.42
CA GLY A 263 -16.69 34.73 -13.36
C GLY A 263 -16.43 33.63 -14.38
N ILE A 264 -15.34 32.88 -14.23
CA ILE A 264 -15.07 31.77 -15.14
C ILE A 264 -16.05 30.64 -14.86
N ARG A 265 -16.67 30.13 -15.91
CA ARG A 265 -17.72 29.11 -15.78
C ARG A 265 -17.60 28.10 -16.91
N ASP A 266 -18.34 27.00 -16.77
CA ASP A 266 -18.42 25.96 -17.79
C ASP A 266 -17.06 25.31 -18.04
N VAL A 267 -16.42 24.87 -16.95
CA VAL A 267 -15.15 24.16 -17.04
C VAL A 267 -14.93 23.41 -15.74
N CYS A 268 -14.27 22.26 -15.82
CA CYS A 268 -13.82 21.51 -14.65
C CYS A 268 -12.32 21.66 -14.56
N ILE A 269 -11.83 22.14 -13.41
CA ILE A 269 -10.41 22.39 -13.21
C ILE A 269 -10.15 22.42 -11.71
N GLY A 270 -8.89 22.22 -11.33
CA GLY A 270 -8.51 22.23 -9.93
C GLY A 270 -8.79 23.56 -9.25
N VAL A 271 -9.60 23.53 -8.19
CA VAL A 271 -9.95 24.74 -7.45
C VAL A 271 -10.11 24.38 -5.98
N PRO A 272 -9.97 25.34 -5.06
CA PRO A 272 -10.26 25.04 -3.65
C PRO A 272 -11.73 24.74 -3.46
N ALA A 273 -12.03 23.68 -2.72
CA ALA A 273 -13.40 23.23 -2.51
C ALA A 273 -13.52 22.64 -1.13
N ARG A 274 -14.55 23.06 -0.40
CA ARG A 274 -14.88 22.47 0.90
C ARG A 274 -15.64 21.18 0.66
N LEU A 275 -15.07 20.06 1.09
CA LEU A 275 -15.60 18.73 0.77
C LEU A 275 -16.26 18.09 1.98
N GLY A 276 -17.40 17.46 1.75
CA GLY A 276 -18.11 16.73 2.79
C GLY A 276 -18.85 15.53 2.24
N ARG A 277 -19.75 14.96 3.03
CA ARG A 277 -20.53 13.81 2.55
C ARG A 277 -21.35 14.14 1.32
N GLU A 278 -21.68 15.42 1.10
CA GLU A 278 -22.45 15.86 -0.05
C GLU A 278 -21.57 16.26 -1.22
N GLY A 279 -20.32 15.81 -1.24
CA GLY A 279 -19.41 16.23 -2.29
C GLY A 279 -18.93 17.65 -2.08
N VAL A 280 -18.90 18.42 -3.16
CA VAL A 280 -18.44 19.81 -3.12
C VAL A 280 -19.52 20.66 -2.46
N LEU A 281 -19.33 20.98 -1.18
CA LEU A 281 -20.27 21.87 -0.49
C LEU A 281 -20.25 23.26 -1.10
N GLU A 282 -19.07 23.76 -1.45
CA GLU A 282 -18.94 25.07 -2.09
C GLU A 282 -17.53 25.17 -2.64
N ILE A 283 -17.35 26.09 -3.59
CA ILE A 283 -16.04 26.43 -4.13
C ILE A 283 -15.61 27.74 -3.48
N VAL A 284 -14.47 27.71 -2.80
CA VAL A 284 -13.95 28.90 -2.12
C VAL A 284 -13.67 29.97 -3.16
N PRO A 285 -14.23 31.19 -3.02
CA PRO A 285 -13.94 32.25 -3.99
C PRO A 285 -12.63 32.97 -3.69
N ILE A 286 -11.51 32.25 -3.91
CA ILE A 286 -10.21 32.81 -3.63
C ILE A 286 -9.99 34.07 -4.45
N GLU A 287 -9.28 35.04 -3.86
CA GLU A 287 -8.86 36.25 -4.55
C GLU A 287 -7.41 36.06 -4.98
N LEU A 288 -7.17 36.16 -6.28
CA LEU A 288 -5.85 35.97 -6.84
C LEU A 288 -5.21 37.32 -7.15
N GLU A 289 -3.88 37.34 -7.20
CA GLU A 289 -3.16 38.52 -7.60
C GLU A 289 -3.13 38.61 -9.13
N GLU A 290 -2.61 39.72 -9.65
CA GLU A 290 -2.57 39.91 -11.09
C GLU A 290 -1.93 38.72 -11.79
N ASP A 291 -0.68 38.42 -11.44
CA ASP A 291 0.05 37.36 -12.12
C ASP A 291 -0.63 36.01 -11.95
N GLU A 292 -1.08 35.70 -10.73
CA GLU A 292 -1.71 34.41 -10.48
C GLU A 292 -3.00 34.25 -11.29
N MET A 293 -3.79 35.33 -11.40
CA MET A 293 -5.03 35.27 -12.17
C MET A 293 -4.74 35.06 -13.65
N ARG A 294 -3.71 35.71 -14.18
CA ARG A 294 -3.38 35.52 -15.59
C ARG A 294 -2.99 34.09 -15.89
N ALA A 295 -2.21 33.47 -15.00
CA ALA A 295 -1.86 32.07 -15.17
C ALA A 295 -3.10 31.19 -15.05
N PHE A 296 -4.04 31.56 -14.17
CA PHE A 296 -5.28 30.79 -14.03
C PHE A 296 -6.10 30.85 -15.31
N ARG A 297 -6.19 32.03 -15.93
CA ARG A 297 -6.93 32.17 -17.17
C ARG A 297 -6.27 31.39 -18.30
N ARG A 298 -4.94 31.40 -18.34
CA ARG A 298 -4.23 30.62 -19.36
C ARG A 298 -4.53 29.13 -19.21
N SER A 299 -4.51 28.63 -17.97
CA SER A 299 -4.80 27.22 -17.75
C SER A 299 -6.25 26.89 -18.11
N VAL A 300 -7.18 27.77 -17.76
CA VAL A 300 -8.58 27.53 -18.10
C VAL A 300 -8.75 27.46 -19.61
N LYS A 301 -8.05 28.33 -20.34
CA LYS A 301 -8.13 28.30 -21.79
C LYS A 301 -7.68 26.97 -22.35
N VAL A 302 -6.59 26.41 -21.81
CA VAL A 302 -6.10 25.13 -22.28
C VAL A 302 -7.09 24.01 -21.95
N VAL A 303 -7.64 24.02 -20.74
CA VAL A 303 -8.55 22.95 -20.33
C VAL A 303 -9.85 23.01 -21.11
N LYS A 304 -10.32 24.22 -21.45
CA LYS A 304 -11.58 24.33 -22.18
C LYS A 304 -11.42 23.82 -23.61
N GLU A 305 -10.30 24.13 -24.26
CA GLU A 305 -10.08 23.64 -25.61
C GLU A 305 -9.99 22.12 -25.64
N ALA A 306 -9.28 21.54 -24.67
CA ALA A 306 -9.18 20.08 -24.60
C ALA A 306 -10.54 19.44 -24.34
N THR A 307 -11.35 20.06 -23.46
CA THR A 307 -12.68 19.53 -23.18
C THR A 307 -13.56 19.57 -24.41
N ARG A 308 -13.43 20.62 -25.23
CA ARG A 308 -14.21 20.70 -26.46
C ARG A 308 -13.88 19.53 -27.38
N GLU A 309 -12.59 19.22 -27.53
CA GLU A 309 -12.19 18.10 -28.37
C GLU A 309 -12.77 16.78 -27.84
N ALA A 310 -12.75 16.61 -26.52
CA ALA A 310 -13.24 15.37 -25.92
C ALA A 310 -14.72 15.17 -26.19
N MET A 311 -15.53 16.21 -25.93
CA MET A 311 -16.97 16.08 -26.12
C MET A 311 -17.32 15.74 -27.56
N GLU A 312 -16.54 16.25 -28.52
CA GLU A 312 -16.78 15.90 -29.92
C GLU A 312 -16.58 14.40 -30.13
N ALA A 313 -15.56 13.81 -29.50
CA ALA A 313 -15.35 12.38 -29.60
C ALA A 313 -16.49 11.58 -28.99
N ILE A 314 -17.35 12.22 -28.19
CA ILE A 314 -18.44 11.54 -27.52
C ILE A 314 -17.87 10.49 -26.57
N SER B 2 15.39 4.56 13.12
CA SER B 2 15.77 3.23 12.57
C SER B 2 15.93 3.27 11.06
N LYS B 3 16.86 2.47 10.55
CA LYS B 3 17.11 2.38 9.11
C LYS B 3 16.80 0.96 8.65
N VAL B 4 15.97 0.86 7.62
CA VAL B 4 15.58 -0.42 7.05
C VAL B 4 15.92 -0.43 5.57
N ALA B 5 16.68 -1.42 5.13
CA ALA B 5 17.01 -1.60 3.73
C ALA B 5 16.13 -2.70 3.16
N VAL B 6 15.70 -2.52 1.92
CA VAL B 6 14.85 -3.49 1.22
C VAL B 6 15.59 -3.90 -0.05
N ILE B 7 16.11 -5.12 -0.05
CA ILE B 7 16.80 -5.68 -1.21
C ILE B 7 15.77 -6.36 -2.10
N GLY B 8 15.76 -5.98 -3.37
CA GLY B 8 14.70 -6.37 -4.27
C GLY B 8 13.54 -5.41 -4.32
N ALA B 9 13.81 -4.11 -4.12
CA ALA B 9 12.76 -3.11 -4.10
C ALA B 9 12.08 -2.95 -5.46
N THR B 10 12.71 -3.39 -6.55
CA THR B 10 12.08 -3.29 -7.86
C THR B 10 10.92 -4.28 -8.04
N GLY B 11 10.85 -5.32 -7.22
CA GLY B 11 9.87 -6.35 -7.40
C GLY B 11 8.52 -5.99 -6.83
N ARG B 12 7.56 -6.91 -7.00
CA ARG B 12 6.22 -6.69 -6.49
C ARG B 12 6.23 -6.57 -4.97
N VAL B 13 6.96 -7.46 -4.30
CA VAL B 13 6.95 -7.46 -2.84
C VAL B 13 7.86 -6.38 -2.28
N GLY B 14 9.01 -6.15 -2.90
CA GLY B 14 9.93 -5.16 -2.39
C GLY B 14 9.38 -3.75 -2.47
N SER B 15 8.77 -3.41 -3.61
CA SER B 15 8.21 -2.06 -3.77
C SER B 15 7.09 -1.81 -2.77
N THR B 16 6.14 -2.74 -2.69
CA THR B 16 5.00 -2.53 -1.80
C THR B 16 5.44 -2.46 -0.35
N ALA B 17 6.35 -3.34 0.06
CA ALA B 17 6.80 -3.36 1.45
C ALA B 17 7.53 -2.07 1.81
N ALA B 18 8.36 -1.57 0.92
CA ALA B 18 9.05 -0.30 1.18
C ALA B 18 8.05 0.84 1.33
N ALA B 19 7.02 0.86 0.49
CA ALA B 19 6.05 1.95 0.53
C ALA B 19 5.34 1.99 1.87
N ARG B 20 4.91 0.84 2.38
CA ARG B 20 4.22 0.81 3.66
C ARG B 20 5.16 0.85 4.86
N LEU B 21 6.44 0.56 4.66
CA LEU B 21 7.40 0.63 5.75
C LEU B 21 7.76 2.07 6.11
N ALA B 22 7.78 2.96 5.11
CA ALA B 22 8.09 4.36 5.38
C ALA B 22 6.98 5.06 6.14
N LEU B 23 5.77 4.50 6.16
CA LEU B 23 4.68 5.09 6.92
C LEU B 23 4.82 4.84 8.42
N LEU B 24 5.64 3.87 8.83
CA LEU B 24 5.85 3.61 10.24
C LEU B 24 6.58 4.77 10.90
N ASP B 25 6.10 5.18 12.07
CA ASP B 25 6.76 6.25 12.81
C ASP B 25 8.16 5.83 13.27
N CYS B 26 8.38 4.53 13.45
CA CYS B 26 9.68 4.04 13.91
C CYS B 26 10.68 3.87 12.77
N VAL B 27 10.28 4.09 11.53
CA VAL B 27 11.14 3.95 10.37
C VAL B 27 11.49 5.35 9.88
N ASN B 28 12.72 5.80 10.14
CA ASN B 28 13.14 7.12 9.71
C ASN B 28 13.78 7.12 8.33
N GLU B 29 14.34 5.99 7.90
CA GLU B 29 14.99 5.89 6.60
C GLU B 29 14.71 4.52 6.00
N VAL B 30 14.40 4.50 4.71
CA VAL B 30 14.25 3.27 3.94
C VAL B 30 15.20 3.36 2.76
N THR B 31 16.07 2.37 2.63
CA THR B 31 17.04 2.30 1.54
C THR B 31 16.60 1.25 0.55
N LEU B 32 16.51 1.63 -0.72
CA LEU B 32 16.05 0.74 -1.79
C LEU B 32 17.29 0.18 -2.49
N ILE B 33 17.39 -1.15 -2.53
CA ILE B 33 18.56 -1.84 -3.05
C ILE B 33 18.13 -2.71 -4.22
N ALA B 34 18.84 -2.60 -5.34
CA ALA B 34 18.62 -3.45 -6.49
C ALA B 34 19.94 -3.65 -7.20
N ARG B 35 19.93 -4.48 -8.24
CA ARG B 35 21.12 -4.68 -9.05
C ARG B 35 21.47 -3.37 -9.74
N PRO B 36 22.74 -3.20 -10.12
CA PRO B 36 23.14 -1.91 -10.71
C PRO B 36 22.33 -1.52 -11.93
N LYS B 37 21.83 -2.51 -12.70
CA LYS B 37 21.07 -2.22 -13.91
C LYS B 37 19.63 -1.82 -13.64
N SER B 38 19.22 -1.70 -12.37
CA SER B 38 17.86 -1.29 -12.03
C SER B 38 17.85 -0.11 -11.07
N VAL B 39 18.95 0.64 -10.99
CA VAL B 39 18.97 1.81 -10.12
C VAL B 39 18.03 2.89 -10.66
N ASP B 40 17.96 3.02 -11.99
CA ASP B 40 17.10 4.03 -12.59
C ASP B 40 15.64 3.78 -12.22
N LYS B 41 15.22 2.51 -12.23
CA LYS B 41 13.86 2.18 -11.80
C LYS B 41 13.64 2.57 -10.34
N LEU B 42 14.68 2.44 -9.50
CA LEU B 42 14.55 2.82 -8.10
C LEU B 42 14.35 4.32 -7.93
N ARG B 43 14.87 5.13 -8.86
CA ARG B 43 14.62 6.57 -8.78
C ARG B 43 13.14 6.89 -8.93
N GLY B 44 12.46 6.23 -9.87
CA GLY B 44 11.04 6.46 -10.02
C GLY B 44 10.25 6.02 -8.81
N LEU B 45 10.60 4.85 -8.26
CA LEU B 45 9.93 4.37 -7.05
C LEU B 45 10.21 5.29 -5.86
N ARG B 46 11.38 5.92 -5.81
CA ARG B 46 11.69 6.81 -4.71
C ARG B 46 10.76 8.01 -4.66
N ARG B 47 10.51 8.64 -5.81
CA ARG B 47 9.60 9.78 -5.85
C ARG B 47 8.16 9.34 -5.60
N ASP B 48 7.78 8.17 -6.11
CA ASP B 48 6.43 7.66 -5.89
C ASP B 48 6.17 7.51 -4.39
N ILE B 49 7.11 6.91 -3.68
CA ILE B 49 6.93 6.71 -2.24
C ILE B 49 6.90 8.05 -1.51
N LEU B 50 7.79 8.97 -1.91
CA LEU B 50 7.81 10.29 -1.28
C LEU B 50 6.51 11.05 -1.52
N HIS B 51 5.89 10.86 -2.68
CA HIS B 51 4.60 11.47 -2.93
C HIS B 51 3.53 10.90 -2.00
N SER B 52 3.59 9.59 -1.75
CA SER B 52 2.64 8.97 -0.84
C SER B 52 2.84 9.44 0.60
N LEU B 53 4.09 9.65 1.01
CA LEU B 53 4.34 10.15 2.36
C LEU B 53 3.76 11.54 2.55
N ALA B 54 3.88 12.39 1.53
CA ALA B 54 3.27 13.72 1.61
C ALA B 54 1.77 13.64 1.77
N ALA B 55 1.13 12.70 1.06
CA ALA B 55 -0.32 12.55 1.18
C ALA B 55 -0.71 12.11 2.59
N ALA B 56 0.09 11.24 3.20
CA ALA B 56 -0.20 10.71 4.52
C ALA B 56 0.31 11.61 5.64
N GLN B 57 0.96 12.73 5.32
CA GLN B 57 1.51 13.63 6.34
C GLN B 57 2.51 12.89 7.24
N LYS B 58 3.27 11.99 6.66
CA LYS B 58 4.34 11.27 7.33
C LYS B 58 5.67 11.58 6.67
N ASP B 59 6.75 11.34 7.41
CA ASP B 59 8.08 11.74 7.00
C ASP B 59 8.99 10.53 6.97
N ALA B 60 9.90 10.51 5.99
CA ALA B 60 10.92 9.46 5.91
C ALA B 60 11.89 9.82 4.80
N GLU B 61 13.15 9.46 5.01
CA GLU B 61 14.19 9.65 4.01
C GLU B 61 14.30 8.39 3.17
N ILE B 62 14.22 8.54 1.85
CA ILE B 62 14.30 7.42 0.92
C ILE B 62 15.62 7.54 0.18
N THR B 63 16.46 6.51 0.29
CA THR B 63 17.76 6.45 -0.36
C THR B 63 17.79 5.29 -1.34
N ILE B 64 18.79 5.28 -2.22
CA ILE B 64 18.95 4.23 -3.21
C ILE B 64 20.40 3.78 -3.23
N GLY B 65 20.61 2.50 -3.57
CA GLY B 65 21.94 1.94 -3.64
C GLY B 65 21.92 0.60 -4.34
N CYS B 66 23.09 0.19 -4.82
CA CYS B 66 23.23 -1.12 -5.45
C CYS B 66 24.48 -1.85 -4.98
N GLU B 67 25.05 -1.46 -3.84
CA GLU B 67 26.30 -2.01 -3.35
C GLU B 67 26.17 -2.41 -1.89
N ARG B 68 27.14 -3.22 -1.44
CA ARG B 68 27.12 -3.72 -0.07
C ARG B 68 27.18 -2.60 0.94
N ASP B 69 27.99 -1.56 0.68
CA ASP B 69 28.13 -0.47 1.63
C ASP B 69 26.83 0.31 1.82
N ASP B 70 25.88 0.18 0.89
CA ASP B 70 24.64 0.95 0.98
C ASP B 70 23.63 0.37 1.96
N TYR B 71 23.74 -0.91 2.32
CA TYR B 71 22.75 -1.54 3.17
C TYR B 71 23.33 -2.36 4.31
N VAL B 72 24.65 -2.51 4.38
CA VAL B 72 25.23 -3.41 5.38
C VAL B 72 25.08 -2.83 6.79
N ASP B 73 25.02 -1.50 6.91
CA ASP B 73 24.94 -0.88 8.21
C ASP B 73 23.49 -0.61 8.65
N ALA B 74 22.51 -1.17 7.96
CA ALA B 74 21.12 -0.97 8.34
C ALA B 74 20.81 -1.73 9.63
N ASP B 75 19.78 -1.25 10.33
CA ASP B 75 19.33 -1.94 11.53
C ASP B 75 18.56 -3.22 11.17
N VAL B 76 17.73 -3.17 10.14
CA VAL B 76 16.99 -4.33 9.66
C VAL B 76 17.15 -4.39 8.15
N ILE B 77 17.45 -5.58 7.63
CA ILE B 77 17.62 -5.80 6.20
C ILE B 77 16.55 -6.79 5.77
N VAL B 78 15.73 -6.39 4.80
CA VAL B 78 14.62 -7.21 4.32
C VAL B 78 15.02 -7.77 2.96
N MET B 79 14.97 -9.10 2.84
CA MET B 79 15.41 -9.80 1.64
C MET B 79 14.16 -10.23 0.88
N THR B 80 13.79 -9.44 -0.14
CA THR B 80 12.65 -9.73 -0.98
C THR B 80 13.04 -10.07 -2.42
N ALA B 81 14.35 -10.16 -2.71
CA ALA B 81 14.82 -10.40 -4.06
C ALA B 81 14.88 -11.89 -4.35
N GLY B 82 14.32 -12.30 -5.47
CA GLY B 82 14.38 -13.68 -5.89
C GLY B 82 13.38 -13.97 -6.98
N ILE B 83 13.54 -15.15 -7.57
CA ILE B 83 12.62 -15.66 -8.58
C ILE B 83 11.36 -16.15 -7.87
N PRO B 84 10.15 -15.86 -8.39
CA PRO B 84 8.94 -16.37 -7.75
C PRO B 84 8.40 -17.63 -8.41
N LEU B 94 14.09 -24.23 -7.79
CA LEU B 94 13.51 -23.18 -6.95
C LEU B 94 14.49 -22.75 -5.86
N THR B 95 14.78 -23.68 -4.96
CA THR B 95 15.70 -23.39 -3.86
C THR B 95 17.08 -23.04 -4.38
N LYS B 96 17.52 -23.74 -5.44
CA LYS B 96 18.89 -23.57 -5.93
C LYS B 96 19.16 -22.12 -6.36
N ASP B 97 18.28 -21.56 -7.18
CA ASP B 97 18.52 -20.23 -7.73
C ASP B 97 18.44 -19.14 -6.66
N ASN B 98 17.42 -19.21 -5.81
CA ASN B 98 17.25 -18.18 -4.78
C ASN B 98 18.31 -18.29 -3.69
N ALA B 99 18.83 -19.49 -3.46
CA ALA B 99 19.85 -19.66 -2.44
C ALA B 99 21.12 -18.90 -2.79
N ALA B 100 21.50 -18.91 -4.07
CA ALA B 100 22.67 -18.15 -4.50
C ALA B 100 22.46 -16.65 -4.28
N ILE B 101 21.26 -16.16 -4.55
CA ILE B 101 20.98 -14.74 -4.35
C ILE B 101 21.18 -14.36 -2.89
N ILE B 102 20.73 -15.23 -1.97
CA ILE B 102 20.95 -14.96 -0.55
C ILE B 102 22.45 -14.89 -0.26
N LYS B 103 23.21 -15.80 -0.85
CA LYS B 103 24.66 -15.81 -0.64
C LYS B 103 25.28 -14.50 -1.12
N LYS B 104 24.84 -14.00 -2.27
CA LYS B 104 25.43 -12.81 -2.85
C LYS B 104 25.33 -11.61 -1.92
N TYR B 105 24.16 -11.41 -1.30
CA TYR B 105 23.92 -10.19 -0.56
C TYR B 105 24.25 -10.27 0.93
N LEU B 106 24.07 -11.44 1.56
CA LEU B 106 24.18 -11.54 3.00
C LEU B 106 25.47 -12.18 3.50
N GLU B 107 26.33 -12.64 2.61
CA GLU B 107 27.54 -13.34 3.03
C GLU B 107 28.47 -12.38 3.78
N GLY B 108 28.81 -12.73 5.03
CA GLY B 108 29.77 -11.99 5.79
C GLY B 108 29.27 -10.72 6.44
N VAL B 109 27.95 -10.51 6.48
CA VAL B 109 27.40 -9.26 7.01
C VAL B 109 27.83 -9.05 8.47
N ALA B 110 28.05 -10.14 9.21
CA ALA B 110 28.41 -10.00 10.61
C ALA B 110 29.74 -9.27 10.79
N GLU B 111 30.66 -9.42 9.83
CA GLU B 111 31.97 -8.78 9.97
C GLU B 111 31.84 -7.26 10.04
N GLU B 112 30.88 -6.70 9.32
CA GLU B 112 30.72 -5.25 9.24
C GLU B 112 29.72 -4.72 10.27
N ASN B 113 28.51 -5.26 10.29
CA ASN B 113 27.49 -4.90 11.28
C ASN B 113 27.04 -6.15 12.01
N PRO B 114 27.69 -6.50 13.14
CA PRO B 114 27.27 -7.69 13.89
C PRO B 114 25.94 -7.55 14.59
N GLU B 115 25.39 -6.33 14.71
CA GLU B 115 24.12 -6.09 15.36
C GLU B 115 22.96 -6.02 14.36
N ALA B 116 23.19 -6.45 13.12
CA ALA B 116 22.16 -6.40 12.11
C ALA B 116 21.10 -7.47 12.38
N ILE B 117 19.89 -7.20 11.89
CA ILE B 117 18.79 -8.15 11.92
C ILE B 117 18.34 -8.37 10.48
N VAL B 118 18.27 -9.64 10.06
CA VAL B 118 17.88 -10.00 8.70
C VAL B 118 16.50 -10.64 8.74
N LEU B 119 15.59 -10.11 7.94
CA LEU B 119 14.27 -10.70 7.73
C LEU B 119 14.23 -11.25 6.32
N VAL B 120 13.97 -12.55 6.19
CA VAL B 120 14.00 -13.24 4.91
C VAL B 120 12.58 -13.48 4.45
N VAL B 121 12.26 -13.02 3.23
CA VAL B 121 10.96 -13.26 2.63
C VAL B 121 11.05 -14.20 1.44
N THR B 122 12.20 -14.28 0.77
CA THR B 122 12.34 -15.11 -0.42
C THR B 122 11.97 -16.56 -0.10
N ASN B 123 11.13 -17.15 -0.98
CA ASN B 123 10.77 -18.55 -0.78
C ASN B 123 11.80 -19.46 -1.44
N PRO B 124 12.03 -20.67 -0.88
CA PRO B 124 11.46 -21.23 0.36
C PRO B 124 11.95 -20.48 1.59
N VAL B 125 11.03 -19.87 2.34
CA VAL B 125 11.44 -18.95 3.41
C VAL B 125 12.18 -19.72 4.51
N ASP B 126 11.67 -20.88 4.91
CA ASP B 126 12.30 -21.64 5.99
C ASP B 126 13.72 -22.05 5.61
N VAL B 127 13.88 -22.61 4.41
CA VAL B 127 15.19 -23.08 3.98
C VAL B 127 16.15 -21.91 3.83
N LEU B 128 15.69 -20.82 3.21
CA LEU B 128 16.57 -19.68 2.95
C LEU B 128 16.90 -18.91 4.22
N THR B 129 16.10 -19.05 5.28
CA THR B 129 16.50 -18.48 6.57
C THR B 129 17.73 -19.20 7.11
N TYR B 130 17.78 -20.54 6.97
CA TYR B 130 18.97 -21.28 7.36
C TYR B 130 20.17 -20.87 6.53
N VAL B 131 19.99 -20.75 5.21
CA VAL B 131 21.09 -20.33 4.35
C VAL B 131 21.59 -18.96 4.78
N ALA B 132 20.68 -18.02 5.01
CA ALA B 132 21.06 -16.66 5.37
C ALA B 132 21.83 -16.63 6.67
N LEU B 133 21.38 -17.41 7.67
CA LEU B 133 22.06 -17.43 8.95
C LEU B 133 23.47 -18.01 8.81
N LYS B 134 23.63 -19.03 7.96
CA LYS B 134 24.93 -19.68 7.82
C LYS B 134 25.92 -18.77 7.10
N VAL B 135 25.49 -18.16 5.99
CA VAL B 135 26.40 -17.34 5.20
C VAL B 135 26.70 -16.02 5.88
N SER B 136 25.75 -15.49 6.65
CA SER B 136 25.93 -14.17 7.24
C SER B 136 26.88 -14.19 8.42
N GLY B 137 26.87 -15.27 9.21
CA GLY B 137 27.64 -15.32 10.43
C GLY B 137 27.06 -14.56 11.59
N LEU B 138 25.81 -14.12 11.51
CA LEU B 138 25.16 -13.39 12.59
C LEU B 138 24.67 -14.37 13.66
N PRO B 139 24.38 -13.87 14.86
CA PRO B 139 23.78 -14.74 15.88
C PRO B 139 22.47 -15.34 15.40
N LYS B 140 22.16 -16.53 15.92
CA LYS B 140 20.96 -17.24 15.50
C LYS B 140 19.68 -16.49 15.86
N ASN B 141 19.73 -15.59 16.84
CA ASN B 141 18.56 -14.83 17.24
C ASN B 141 18.34 -13.57 16.41
N ARG B 142 19.27 -13.21 15.52
CA ARG B 142 19.15 -12.00 14.73
C ARG B 142 18.78 -12.26 13.28
N VAL B 143 18.55 -13.52 12.89
CA VAL B 143 18.16 -13.87 11.53
C VAL B 143 16.87 -14.66 11.60
N ILE B 144 15.84 -14.17 10.89
CA ILE B 144 14.52 -14.79 10.89
C ILE B 144 13.88 -14.64 9.53
N GLY B 145 12.70 -15.25 9.36
CA GLY B 145 11.96 -15.11 8.12
C GLY B 145 10.47 -15.01 8.41
N SER B 146 9.73 -14.52 7.41
CA SER B 146 8.30 -14.32 7.59
C SER B 146 7.59 -15.62 7.93
N GLY B 147 7.95 -16.72 7.27
CA GLY B 147 7.44 -18.02 7.66
C GLY B 147 5.92 -18.09 7.58
N THR B 148 5.31 -18.55 8.67
CA THR B 148 3.87 -18.77 8.73
C THR B 148 3.14 -17.65 9.47
N HIS B 149 3.75 -16.46 9.56
CA HIS B 149 3.10 -15.37 10.29
C HIS B 149 1.78 -14.98 9.63
N LEU B 150 1.80 -14.78 8.30
CA LEU B 150 0.57 -14.40 7.62
C LEU B 150 -0.42 -15.56 7.59
N ASP B 151 0.06 -16.80 7.49
CA ASP B 151 -0.84 -17.94 7.55
C ASP B 151 -1.58 -17.99 8.88
N SER B 152 -0.87 -17.71 9.97
CA SER B 152 -1.50 -17.69 11.29
C SER B 152 -2.51 -16.54 11.40
N MET B 153 -2.21 -15.39 10.78
CA MET B 153 -3.11 -14.25 10.88
C MET B 153 -4.43 -14.51 10.16
N ARG B 154 -4.37 -15.17 9.00
CA ARG B 154 -5.60 -15.43 8.25
C ARG B 154 -6.42 -16.53 8.92
N PHE B 155 -5.75 -17.54 9.47
CA PHE B 155 -6.45 -18.53 10.28
C PHE B 155 -7.12 -17.85 11.47
N LYS B 156 -6.49 -16.83 12.02
CA LYS B 156 -7.07 -16.09 13.14
C LYS B 156 -8.37 -15.41 12.73
N VAL B 157 -8.40 -14.81 11.54
CA VAL B 157 -9.62 -14.14 11.08
C VAL B 157 -10.74 -15.14 10.85
N LEU B 158 -10.43 -16.30 10.25
CA LEU B 158 -11.48 -17.28 9.96
C LEU B 158 -12.15 -17.73 11.25
N ILE B 159 -11.36 -18.00 12.29
CA ILE B 159 -11.92 -18.42 13.57
C ILE B 159 -12.77 -17.30 14.19
N ALA B 160 -12.27 -16.06 14.12
CA ALA B 160 -13.00 -14.95 14.74
C ALA B 160 -14.37 -14.77 14.11
N LYS B 161 -14.45 -14.83 12.78
CA LYS B 161 -15.74 -14.70 12.12
C LYS B 161 -16.66 -15.85 12.47
N HIS B 162 -16.12 -17.06 12.63
CA HIS B 162 -16.94 -18.20 13.01
C HIS B 162 -17.66 -17.94 14.33
N PHE B 163 -16.92 -17.49 15.35
CA PHE B 163 -17.50 -17.19 16.65
C PHE B 163 -18.09 -15.77 16.72
N ASN B 164 -18.00 -14.99 15.64
CA ASN B 164 -18.53 -13.64 15.61
C ASN B 164 -18.00 -12.82 16.79
N VAL B 165 -16.67 -12.82 16.94
CA VAL B 165 -15.99 -12.10 18.00
C VAL B 165 -14.97 -11.16 17.37
N HIS B 166 -14.53 -10.20 18.16
CA HIS B 166 -13.47 -9.29 17.73
C HIS B 166 -12.21 -10.08 17.45
N MET B 167 -11.44 -9.64 16.44
CA MET B 167 -10.25 -10.37 16.05
C MET B 167 -9.26 -10.48 17.20
N SER B 168 -9.16 -9.43 18.02
CA SER B 168 -8.24 -9.44 19.15
C SER B 168 -8.56 -10.54 20.15
N GLU B 169 -9.78 -11.09 20.13
CA GLU B 169 -10.13 -12.15 21.06
C GLU B 169 -9.56 -13.51 20.67
N VAL B 170 -9.11 -13.67 19.44
CA VAL B 170 -8.68 -14.98 18.94
C VAL B 170 -7.16 -15.04 18.90
N HIS B 171 -6.60 -16.06 19.55
CA HIS B 171 -5.19 -16.37 19.49
C HIS B 171 -5.03 -17.76 18.91
N THR B 172 -4.27 -17.87 17.83
CA THR B 172 -4.07 -19.15 17.14
C THR B 172 -2.75 -19.09 16.40
N ARG B 173 -2.32 -20.25 15.90
CA ARG B 173 -0.99 -20.31 15.31
C ARG B 173 -0.91 -21.46 14.31
N ILE B 174 -0.08 -21.27 13.29
CA ILE B 174 0.30 -22.32 12.35
C ILE B 174 1.82 -22.41 12.38
N ILE B 175 2.34 -23.56 12.78
CA ILE B 175 3.77 -23.78 12.89
C ILE B 175 4.21 -24.69 11.75
N GLY B 176 5.52 -24.84 11.60
CA GLY B 176 6.07 -25.71 10.58
C GLY B 176 6.46 -24.97 9.32
N GLU B 177 6.47 -25.68 8.20
CA GLU B 177 6.86 -25.09 6.93
C GLU B 177 5.77 -24.16 6.40
N HIS B 178 6.20 -23.08 5.75
CA HIS B 178 5.30 -22.24 4.98
C HIS B 178 4.99 -22.97 3.67
N GLY B 179 4.15 -23.99 3.79
CA GLY B 179 3.81 -24.83 2.66
C GLY B 179 2.76 -25.89 3.00
N ASP B 180 2.83 -27.03 2.33
CA ASP B 180 1.80 -28.06 2.47
C ASP B 180 1.89 -28.81 3.80
N THR B 181 3.04 -28.77 4.47
CA THR B 181 3.24 -29.50 5.71
C THR B 181 3.02 -28.63 6.95
N MET B 182 2.30 -27.52 6.81
CA MET B 182 2.03 -26.65 7.94
C MET B 182 1.09 -27.34 8.93
N VAL B 183 1.18 -26.91 10.19
CA VAL B 183 0.47 -27.56 11.30
C VAL B 183 -0.30 -26.54 12.12
N PRO B 184 -1.63 -26.47 12.03
CA PRO B 184 -2.37 -25.63 12.97
C PRO B 184 -2.34 -26.23 14.38
N VAL B 185 -2.19 -25.35 15.37
CA VAL B 185 -2.08 -25.76 16.75
C VAL B 185 -3.40 -25.48 17.44
N ILE B 186 -4.31 -26.45 17.42
CA ILE B 186 -5.58 -26.30 18.11
C ILE B 186 -5.37 -26.31 19.62
N SER B 187 -4.39 -27.08 20.10
CA SER B 187 -4.19 -27.19 21.54
C SER B 187 -3.89 -25.84 22.19
N SER B 188 -3.36 -24.89 21.42
CA SER B 188 -3.04 -23.56 21.92
C SER B 188 -3.81 -22.49 21.16
N THR B 189 -5.08 -22.76 20.87
CA THR B 189 -5.99 -21.81 20.26
C THR B 189 -7.06 -21.44 21.28
N SER B 190 -7.29 -20.14 21.46
CA SER B 190 -8.19 -19.65 22.49
C SER B 190 -9.04 -18.50 21.96
N VAL B 191 -10.22 -18.35 22.55
CA VAL B 191 -11.10 -17.22 22.28
C VAL B 191 -11.42 -16.60 23.63
N GLY B 192 -10.89 -15.41 23.89
CA GLY B 192 -11.05 -14.79 25.19
C GLY B 192 -10.36 -15.51 26.31
N GLY B 193 -9.32 -16.29 26.00
CA GLY B 193 -8.64 -17.10 26.97
C GLY B 193 -9.21 -18.50 27.13
N ILE B 194 -10.38 -18.77 26.57
CA ILE B 194 -11.04 -20.07 26.68
C ILE B 194 -10.52 -20.99 25.58
N PRO B 195 -10.04 -22.19 25.90
CA PRO B 195 -9.65 -23.12 24.84
C PRO B 195 -10.80 -23.31 23.86
N VAL B 196 -10.47 -23.25 22.56
CA VAL B 196 -11.50 -23.29 21.53
C VAL B 196 -12.26 -24.62 21.58
N THR B 197 -11.62 -25.68 22.07
CA THR B 197 -12.30 -26.97 22.17
C THR B 197 -13.48 -26.89 23.13
N ARG B 198 -13.36 -26.13 24.21
CA ARG B 198 -14.46 -25.95 25.16
C ARG B 198 -15.44 -24.87 24.72
N MET B 199 -15.20 -24.21 23.59
CA MET B 199 -16.07 -23.12 23.16
C MET B 199 -17.30 -23.69 22.45
N PRO B 200 -18.50 -23.25 22.80
CA PRO B 200 -19.69 -23.74 22.09
C PRO B 200 -19.65 -23.36 20.61
N GLY B 201 -20.00 -24.30 19.76
CA GLY B 201 -19.98 -24.09 18.34
C GLY B 201 -18.70 -24.53 17.65
N TRP B 202 -17.70 -24.98 18.42
CA TRP B 202 -16.45 -25.41 17.81
C TRP B 202 -16.65 -26.59 16.87
N GLU B 203 -17.63 -27.45 17.16
CA GLU B 203 -17.87 -28.61 16.30
C GLU B 203 -18.25 -28.20 14.88
N ASP B 204 -18.97 -27.09 14.72
CA ASP B 204 -19.43 -26.65 13.41
C ASP B 204 -18.33 -26.00 12.57
N PHE B 205 -17.15 -25.77 13.14
CA PHE B 205 -16.04 -25.17 12.41
C PHE B 205 -15.25 -26.27 11.70
N ASP B 206 -15.10 -26.13 10.39
CA ASP B 206 -14.41 -27.14 9.57
C ASP B 206 -12.93 -26.76 9.50
N VAL B 207 -12.15 -27.29 10.45
CA VAL B 207 -10.73 -26.95 10.51
C VAL B 207 -10.03 -27.40 9.24
N GLU B 208 -10.35 -28.60 8.75
CA GLU B 208 -9.68 -29.11 7.55
C GLU B 208 -9.94 -28.22 6.34
N GLU B 209 -11.19 -27.79 6.16
CA GLU B 209 -11.50 -26.91 5.03
C GLU B 209 -10.78 -25.58 5.18
N ALA B 210 -10.78 -25.00 6.38
CA ALA B 210 -10.14 -23.70 6.59
C ALA B 210 -8.65 -23.78 6.31
N VAL B 211 -8.00 -24.86 6.76
CA VAL B 211 -6.57 -25.02 6.51
C VAL B 211 -6.32 -25.14 5.01
N ARG B 212 -7.21 -25.82 4.30
CA ARG B 212 -7.05 -25.94 2.85
C ARG B 212 -7.09 -24.56 2.19
N GLU B 213 -7.97 -23.69 2.68
CA GLU B 213 -8.00 -22.32 2.18
C GLU B 213 -6.66 -21.63 2.41
N VAL B 214 -6.06 -21.85 3.58
CA VAL B 214 -4.79 -21.20 3.90
C VAL B 214 -3.68 -21.71 2.98
N LYS B 215 -3.63 -23.03 2.77
CA LYS B 215 -2.51 -23.62 2.05
C LYS B 215 -2.59 -23.35 0.55
N GLU B 216 -3.80 -23.19 0.01
CA GLU B 216 -3.98 -23.06 -1.43
C GLU B 216 -4.13 -21.63 -1.90
N ALA B 217 -4.42 -20.69 -1.00
CA ALA B 217 -4.59 -19.30 -1.42
C ALA B 217 -3.34 -18.77 -2.10
N GLY B 218 -2.17 -19.28 -1.74
CA GLY B 218 -0.95 -18.83 -2.38
C GLY B 218 -0.89 -19.18 -3.85
N GLN B 219 -1.23 -20.42 -4.20
CA GLN B 219 -1.18 -20.84 -5.59
C GLN B 219 -2.27 -20.15 -6.42
N ARG B 220 -3.47 -20.00 -5.85
CA ARG B 220 -4.54 -19.34 -6.58
C ARG B 220 -4.18 -17.88 -6.88
N ILE B 221 -3.58 -17.19 -5.90
CA ILE B 221 -3.18 -15.81 -6.14
C ILE B 221 -2.13 -15.74 -7.24
N ILE B 222 -1.20 -16.70 -7.26
CA ILE B 222 -0.12 -16.66 -8.24
C ILE B 222 -0.68 -16.83 -9.65
N GLU B 223 -1.54 -17.84 -9.84
CA GLU B 223 -2.04 -18.15 -11.18
C GLU B 223 -2.94 -17.08 -11.74
N THR B 224 -3.56 -16.25 -10.89
CA THR B 224 -4.49 -15.22 -11.35
C THR B 224 -3.89 -13.82 -11.27
N TRP B 225 -3.48 -13.38 -10.08
CA TRP B 225 -2.94 -12.04 -9.93
C TRP B 225 -1.46 -11.99 -10.27
N GLY B 226 -0.75 -13.11 -10.13
CA GLY B 226 0.67 -13.17 -10.41
C GLY B 226 1.47 -13.50 -9.16
N GLY B 227 1.10 -12.90 -8.04
CA GLY B 227 1.75 -13.20 -6.78
C GLY B 227 1.19 -12.31 -5.69
N THR B 228 1.59 -12.63 -4.45
CA THR B 228 1.20 -11.84 -3.30
C THR B 228 2.08 -10.60 -3.19
N GLN B 229 1.44 -9.43 -3.12
CA GLN B 229 2.14 -8.16 -2.91
C GLN B 229 1.64 -7.44 -1.68
N PHE B 230 0.33 -7.28 -1.52
CA PHE B 230 -0.18 -6.49 -0.40
C PHE B 230 -0.25 -7.29 0.89
N GLY B 231 -0.69 -8.54 0.83
CA GLY B 231 -0.76 -9.34 2.04
C GLY B 231 0.59 -9.54 2.69
N ILE B 232 1.59 -9.93 1.89
CA ILE B 232 2.93 -10.18 2.43
C ILE B 232 3.58 -8.88 2.87
N ALA B 233 3.37 -7.80 2.13
CA ALA B 233 3.99 -6.53 2.48
C ALA B 233 3.49 -6.03 3.83
N GLN B 234 2.18 -6.17 4.10
CA GLN B 234 1.66 -5.81 5.41
C GLN B 234 2.22 -6.70 6.50
N ALA B 235 2.39 -7.99 6.23
CA ALA B 235 2.97 -8.89 7.22
C ALA B 235 4.38 -8.47 7.57
N ILE B 236 5.17 -8.09 6.57
CA ILE B 236 6.52 -7.59 6.83
C ILE B 236 6.48 -6.35 7.70
N THR B 237 5.50 -5.48 7.45
CA THR B 237 5.35 -4.29 8.29
C THR B 237 5.08 -4.67 9.74
N ASN B 238 4.27 -5.70 9.97
CA ASN B 238 4.02 -6.16 11.33
C ASN B 238 5.32 -6.62 12.00
N LEU B 239 6.11 -7.44 11.29
CA LEU B 239 7.32 -7.98 11.88
C LEU B 239 8.33 -6.88 12.19
N VAL B 240 8.51 -5.94 11.27
CA VAL B 240 9.51 -4.89 11.47
C VAL B 240 9.09 -3.94 12.58
N ARG B 241 7.80 -3.58 12.63
CA ARG B 241 7.33 -2.73 13.71
C ARG B 241 7.51 -3.40 15.06
N THR B 242 7.20 -4.69 15.14
CA THR B 242 7.35 -5.42 16.40
C THR B 242 8.80 -5.36 16.86
N ILE B 243 9.74 -5.59 15.95
CA ILE B 243 11.15 -5.63 16.33
C ILE B 243 11.64 -4.24 16.75
N LEU B 244 11.39 -3.24 15.91
CA LEU B 244 11.98 -1.92 16.15
C LEU B 244 11.36 -1.22 17.36
N GLN B 245 10.14 -1.59 17.74
CA GLN B 245 9.50 -1.02 18.92
C GLN B 245 9.54 -1.96 20.12
N ASP B 246 10.30 -3.05 20.02
CA ASP B 246 10.52 -3.97 21.12
C ASP B 246 9.19 -4.33 21.81
N GLU B 247 8.25 -4.82 20.99
CA GLU B 247 6.91 -5.08 21.48
C GLU B 247 6.79 -6.42 22.20
N ARG B 248 7.69 -7.36 21.93
CA ARG B 248 7.75 -8.61 22.68
C ARG B 248 6.45 -9.41 22.53
N ARG B 249 5.95 -9.47 21.32
CA ARG B 249 4.80 -10.30 20.97
C ARG B 249 5.28 -11.69 20.59
N VAL B 250 4.41 -12.68 20.80
CA VAL B 250 4.69 -14.05 20.42
C VAL B 250 4.16 -14.24 19.00
N LEU B 251 5.06 -14.19 18.03
CA LEU B 251 4.70 -14.32 16.62
C LEU B 251 5.32 -15.59 16.04
N THR B 252 4.77 -16.04 14.92
CA THR B 252 5.18 -17.27 14.28
C THR B 252 6.08 -16.92 13.10
N VAL B 253 7.39 -17.10 13.28
CA VAL B 253 8.38 -16.80 12.27
C VAL B 253 9.31 -17.99 12.10
N SER B 254 9.96 -18.05 10.94
CA SER B 254 10.96 -19.08 10.69
C SER B 254 12.23 -18.74 11.47
N ALA B 255 12.60 -19.60 12.42
CA ALA B 255 13.75 -19.36 13.27
C ALA B 255 14.50 -20.67 13.50
N TYR B 256 15.75 -20.54 13.93
CA TYR B 256 16.62 -21.69 14.15
C TYR B 256 16.25 -22.38 15.45
N LEU B 257 15.83 -23.65 15.36
CA LEU B 257 15.52 -24.45 16.53
C LEU B 257 16.78 -25.09 17.07
N ASP B 258 16.96 -25.01 18.40
CA ASP B 258 18.09 -25.60 19.10
C ASP B 258 17.58 -26.48 20.24
N GLY B 259 16.58 -27.32 19.93
CA GLY B 259 16.08 -28.28 20.89
C GLY B 259 15.08 -27.75 21.90
N GLU B 260 14.43 -26.62 21.63
CA GLU B 260 13.41 -26.11 22.53
C GLU B 260 12.09 -26.84 22.40
N ILE B 261 11.82 -27.44 21.24
CA ILE B 261 10.59 -28.19 21.01
C ILE B 261 10.97 -29.64 20.70
N ASP B 262 10.75 -30.52 21.68
CA ASP B 262 10.97 -31.96 21.51
C ASP B 262 12.41 -32.30 21.17
N GLY B 263 13.36 -31.44 21.54
CA GLY B 263 14.75 -31.71 21.24
C GLY B 263 15.12 -31.63 19.78
N ILE B 264 14.20 -31.19 18.92
CA ILE B 264 14.51 -31.00 17.51
C ILE B 264 15.43 -29.79 17.37
N ARG B 265 16.52 -29.95 16.64
CA ARG B 265 17.54 -28.92 16.54
C ARG B 265 18.13 -28.89 15.14
N ASP B 266 18.89 -27.84 14.85
CA ASP B 266 19.62 -27.68 13.59
C ASP B 266 18.66 -27.63 12.40
N VAL B 267 17.68 -26.73 12.49
CA VAL B 267 16.73 -26.52 11.39
C VAL B 267 16.08 -25.16 11.60
N CYS B 268 15.74 -24.50 10.50
CA CYS B 268 14.96 -23.28 10.53
C CYS B 268 13.56 -23.59 10.05
N ILE B 269 12.55 -23.25 10.86
CA ILE B 269 11.17 -23.57 10.55
C ILE B 269 10.27 -22.64 11.35
N GLY B 270 9.02 -22.49 10.89
CA GLY B 270 8.06 -21.65 11.59
C GLY B 270 7.79 -22.14 13.01
N VAL B 271 8.04 -21.29 13.99
CA VAL B 271 7.83 -21.65 15.39
C VAL B 271 7.38 -20.43 16.16
N PRO B 272 6.68 -20.59 17.29
CA PRO B 272 6.37 -19.41 18.12
C PRO B 272 7.64 -18.81 18.72
N ALA B 273 7.74 -17.49 18.64
CA ALA B 273 8.93 -16.79 19.10
C ALA B 273 8.52 -15.43 19.66
N ARG B 274 9.04 -15.10 20.84
CA ARG B 274 8.86 -13.77 21.41
C ARG B 274 9.86 -12.83 20.76
N LEU B 275 9.37 -11.84 20.03
CA LEU B 275 10.21 -10.97 19.21
C LEU B 275 10.32 -9.58 19.82
N GLY B 276 11.54 -9.04 19.81
CA GLY B 276 11.80 -7.71 20.29
C GLY B 276 12.90 -7.05 19.50
N ARG B 277 13.44 -5.94 20.02
CA ARG B 277 14.53 -5.26 19.32
C ARG B 277 15.75 -6.15 19.13
N GLU B 278 15.92 -7.18 19.95
CA GLU B 278 17.04 -8.11 19.83
C GLU B 278 16.70 -9.32 18.97
N GLY B 279 15.68 -9.22 18.12
CA GLY B 279 15.28 -10.39 17.34
C GLY B 279 14.55 -11.40 18.21
N VAL B 280 14.87 -12.67 18.01
CA VAL B 280 14.23 -13.75 18.75
C VAL B 280 14.77 -13.76 20.17
N LEU B 281 13.99 -13.21 21.11
CA LEU B 281 14.37 -13.26 22.51
C LEU B 281 14.39 -14.70 23.01
N GLU B 282 13.41 -15.50 22.60
CA GLU B 282 13.35 -16.90 22.98
C GLU B 282 12.35 -17.59 22.08
N ILE B 283 12.46 -18.91 22.00
CA ILE B 283 11.50 -19.75 21.31
C ILE B 283 10.58 -20.34 22.36
N VAL B 284 9.29 -20.05 22.24
CA VAL B 284 8.30 -20.55 23.19
C VAL B 284 8.29 -22.07 23.10
N PRO B 285 8.53 -22.79 24.21
CA PRO B 285 8.51 -24.27 24.18
C PRO B 285 7.09 -24.84 24.29
N ILE B 286 6.31 -24.64 23.23
CA ILE B 286 4.93 -25.11 23.23
C ILE B 286 4.91 -26.63 23.41
N GLU B 287 3.88 -27.11 24.09
CA GLU B 287 3.60 -28.53 24.22
C GLU B 287 2.52 -28.91 23.21
N LEU B 288 2.85 -29.83 22.30
CA LEU B 288 1.95 -30.28 21.26
C LEU B 288 1.31 -31.62 21.63
N GLU B 289 0.15 -31.88 21.03
CA GLU B 289 -0.52 -33.15 21.20
C GLU B 289 0.07 -34.18 20.25
N GLU B 290 -0.39 -35.43 20.38
CA GLU B 290 0.16 -36.52 19.57
C GLU B 290 0.12 -36.19 18.09
N ASP B 291 -1.08 -35.93 17.56
CA ASP B 291 -1.21 -35.70 16.12
C ASP B 291 -0.43 -34.47 15.68
N GLU B 292 -0.49 -33.38 16.45
CA GLU B 292 0.22 -32.17 16.07
C GLU B 292 1.73 -32.40 16.03
N MET B 293 2.26 -33.16 16.99
CA MET B 293 3.69 -33.46 17.00
C MET B 293 4.08 -34.31 15.80
N ARG B 294 3.23 -35.27 15.42
CA ARG B 294 3.52 -36.11 14.26
C ARG B 294 3.59 -35.29 12.99
N ALA B 295 2.64 -34.37 12.79
CA ALA B 295 2.68 -33.50 11.62
C ALA B 295 3.87 -32.55 11.67
N PHE B 296 4.22 -32.08 12.87
CA PHE B 296 5.37 -31.18 13.00
C PHE B 296 6.67 -31.89 12.63
N ARG B 297 6.83 -33.14 13.06
CA ARG B 297 8.04 -33.90 12.73
C ARG B 297 8.12 -34.16 11.23
N ARG B 298 6.99 -34.47 10.60
CA ARG B 298 6.98 -34.66 9.15
C ARG B 298 7.42 -33.38 8.44
N SER B 299 6.92 -32.23 8.91
CA SER B 299 7.29 -30.96 8.31
C SER B 299 8.78 -30.68 8.48
N VAL B 300 9.32 -30.97 9.67
CA VAL B 300 10.74 -30.71 9.92
C VAL B 300 11.61 -31.55 9.00
N LYS B 301 11.25 -32.82 8.82
CA LYS B 301 12.03 -33.69 7.94
C LYS B 301 12.02 -33.17 6.51
N VAL B 302 10.88 -32.67 6.04
CA VAL B 302 10.79 -32.13 4.69
C VAL B 302 11.68 -30.89 4.56
N VAL B 303 11.65 -30.01 5.55
CA VAL B 303 12.44 -28.78 5.49
C VAL B 303 13.93 -29.09 5.58
N LYS B 304 14.31 -30.12 6.34
CA LYS B 304 15.73 -30.45 6.48
C LYS B 304 16.31 -30.98 5.17
N GLU B 305 15.56 -31.82 4.46
CA GLU B 305 16.05 -32.33 3.19
C GLU B 305 16.23 -31.20 2.18
N ALA B 306 15.29 -30.26 2.14
CA ALA B 306 15.44 -29.11 1.24
C ALA B 306 16.65 -28.27 1.61
N THR B 307 16.89 -28.10 2.91
CA THR B 307 18.07 -27.35 3.35
C THR B 307 19.36 -28.06 2.91
N ARG B 308 19.34 -29.40 2.91
CA ARG B 308 20.51 -30.14 2.44
C ARG B 308 20.82 -29.80 0.98
N GLU B 309 19.78 -29.76 0.14
CA GLU B 309 19.99 -29.43 -1.26
C GLU B 309 20.53 -28.02 -1.43
N ALA B 310 20.00 -27.08 -0.64
CA ALA B 310 20.41 -25.68 -0.79
C ALA B 310 21.87 -25.49 -0.44
N MET B 311 22.29 -26.00 0.73
CA MET B 311 23.68 -25.80 1.15
C MET B 311 24.65 -26.43 0.18
N GLU B 312 24.29 -27.57 -0.41
CA GLU B 312 25.15 -28.18 -1.43
C GLU B 312 25.30 -27.26 -2.63
N ALA B 313 24.21 -26.62 -3.05
CA ALA B 313 24.29 -25.69 -4.17
C ALA B 313 25.18 -24.49 -3.86
N ILE B 314 25.48 -24.24 -2.59
CA ILE B 314 26.30 -23.10 -2.19
C ILE B 314 27.73 -23.58 -1.92
PA NDP C . -2.66 0.47 -16.13
O1A NDP C . -2.61 0.17 -17.60
O2A NDP C . -1.62 -0.07 -15.21
O5B NDP C . -4.15 0.09 -15.54
C5B NDP C . -5.01 0.24 -16.62
C4B NDP C . -6.41 0.04 -16.09
O4B NDP C . -7.35 0.54 -17.03
C3B NDP C . -6.60 -1.49 -15.90
O3B NDP C . -7.36 -1.74 -14.76
C2B NDP C . -7.40 -1.88 -17.15
O2B NDP C . -8.26 -2.86 -16.95
C1B NDP C . -8.19 -0.54 -17.42
N9A NDP C . -8.46 -0.37 -18.86
C8A NDP C . -7.53 -0.26 -19.90
N7A NDP C . -8.11 -0.12 -21.11
C5A NDP C . -9.49 -0.14 -20.84
C6A NDP C . -10.61 -0.04 -21.66
N6A NDP C . -10.45 0.12 -23.03
N1A NDP C . -11.87 -0.09 -21.16
C2A NDP C . -11.95 -0.25 -19.79
N3A NDP C . -10.98 -0.36 -18.87
C4A NDP C . -9.72 -0.30 -19.43
O3 NDP C . -2.49 2.10 -16.15
PN NDP C . -2.54 2.66 -14.66
O1N NDP C . -1.16 2.90 -14.21
O2N NDP C . -3.60 2.04 -13.78
O5D NDP C . -3.12 4.32 -14.78
C5D NDP C . -4.48 4.26 -15.01
C4D NDP C . -4.99 5.68 -15.07
O4D NDP C . -4.52 6.44 -13.93
C3D NDP C . -4.35 6.32 -16.34
O3D NDP C . -5.35 6.92 -17.10
C2D NDP C . -3.40 7.38 -15.75
O2D NDP C . -3.31 8.53 -16.50
C1D NDP C . -4.16 7.71 -14.42
N1N NDP C . -3.29 8.39 -13.46
C2N NDP C . -3.75 9.52 -12.84
C3N NDP C . -2.89 10.37 -12.21
C7N NDP C . -3.50 11.55 -11.59
O7N NDP C . -4.67 11.93 -11.77
N7N NDP C . -2.68 12.29 -10.75
C4N NDP C . -1.43 10.10 -12.13
C5N NDP C . -1.08 8.74 -12.60
C6N NDP C . -1.98 7.95 -13.21
P2B NDP C . -7.72 -4.38 -17.78
O1X NDP C . -9.01 -5.11 -17.67
O2X NDP C . -6.55 -4.86 -16.92
O3X NDP C . -7.38 -3.78 -19.12
H51A NDP C . -4.81 -0.40 -17.31
H52A NDP C . -4.91 1.12 -17.01
H4B NDP C . -6.55 0.53 -15.27
H3B NDP C . -5.76 -1.97 -15.88
HO3A NDP C . -8.17 -1.72 -15.03
H2B NDP C . -6.77 -2.00 -17.88
H1B NDP C . -9.02 -0.51 -16.92
H8A NDP C . -6.62 -0.28 -19.74
H61A NDP C . -9.66 0.25 -23.35
H62A NDP C . -11.13 0.08 -23.54
H2A NDP C . -12.82 -0.28 -19.47
H51N NDP C . -4.96 3.77 -14.32
H52N NDP C . -4.70 3.81 -15.84
H4D NDP C . -5.96 5.71 -15.07
H3D NDP C . -3.85 5.66 -16.85
HO3N NDP C . -4.95 7.40 -17.67
H2D NDP C . -2.51 7.03 -15.59
HO2N NDP C . -2.67 8.96 -16.17
H1D NDP C . -4.95 8.26 -14.54
H2N NDP C . -4.67 9.70 -12.87
H71N NDP C . -1.87 12.03 -10.61
H72N NDP C . -2.96 12.99 -10.34
H41N NDP C . -1.12 10.20 -11.22
H42N NDP C . -0.93 10.75 -12.65
H5N NDP C . -0.22 8.43 -12.47
H6N NDP C . -1.77 7.09 -13.49
CL CL D . 0.28 -0.26 -0.95
CL CL E . -5.11 20.36 -1.27
K K F . -12.41 -1.22 6.61
PA NDP G . 9.69 -10.18 -8.69
O1A NDP G . 10.33 -10.90 -9.83
O2A NDP G . 8.41 -9.41 -8.88
O5B NDP G . 10.80 -9.24 -7.92
C5B NDP G . 12.02 -9.87 -8.16
C4B NDP G . 13.07 -9.14 -7.37
O4B NDP G . 14.25 -9.94 -7.28
C3B NDP G . 13.40 -7.83 -8.12
O3B NDP G . 13.81 -6.86 -7.22
C2B NDP G . 14.59 -8.29 -8.99
O2B NDP G . 15.41 -7.30 -9.34
C1B NDP G . 15.30 -9.23 -7.94
N9A NDP G . 16.16 -10.22 -8.60
C8A NDP G . 15.81 -11.24 -9.50
N7A NDP G . 16.85 -11.98 -9.91
C5A NDP G . 17.94 -11.40 -9.24
C6A NDP G . 19.31 -11.71 -9.25
N6A NDP G . 19.78 -12.76 -10.01
N1A NDP G . 20.21 -11.00 -8.51
C2A NDP G . 19.67 -9.97 -7.77
N3A NDP G . 18.40 -9.55 -7.66
C4A NDP G . 17.53 -10.30 -8.42
O3 NDP G . 9.31 -11.46 -7.71
PN NDP G . 8.54 -10.92 -6.42
O1N NDP G . 9.23 -9.72 -5.89
O2N NDP G . 7.04 -11.03 -6.52
O5D NDP G . 8.87 -12.05 -5.12
C5D NDP G . 10.21 -12.36 -5.22
C4D NDP G . 10.58 -13.27 -4.06
O4D NDP G . 9.68 -13.03 -2.96
C3D NDP G . 10.35 -14.74 -4.53
O3D NDP G . 11.35 -15.54 -3.98
C2D NDP G . 8.99 -15.07 -3.92
O2D NDP G . 8.83 -16.41 -3.60
C1D NDP G . 9.08 -14.26 -2.60
N1N NDP G . 7.72 -13.98 -2.08
C2N NDP G . 7.32 -14.53 -0.89
C3N NDP G . 6.00 -14.56 -0.56
C7N NDP G . 5.67 -15.16 0.71
O7N NDP G . 4.84 -16.07 0.86
N7N NDP G . 6.33 -14.68 1.83
C4N NDP G . 4.94 -13.99 -1.44
C5N NDP G . 5.51 -13.20 -2.55
C6N NDP G . 6.82 -13.21 -2.83
P2B NDP G . 15.23 -6.83 -11.12
O1X NDP G . 14.69 -8.13 -11.61
O2X NDP G . 16.66 -6.45 -11.52
O3X NDP G . 14.25 -5.70 -10.93
H51A NDP G . 12.23 -9.87 -9.10
H52A NDP G . 11.97 -10.81 -7.89
H4B NDP G . 12.76 -8.98 -6.46
H3B NDP G . 12.68 -7.51 -8.68
HO3A NDP G . 14.66 -6.81 -7.29
H2B NDP G . 14.26 -8.83 -9.72
H1B NDP G . 15.84 -8.73 -7.31
H8A NDP G . 14.92 -11.37 -9.75
H61A NDP G . 19.22 -13.29 -10.40
H62A NDP G . 20.63 -12.87 -10.11
H2A NDP G . 20.29 -9.50 -7.27
H51N NDP G . 10.77 -11.57 -5.19
H52N NDP G . 10.43 -12.80 -6.05
H4D NDP G . 11.49 -13.12 -3.77
H3D NDP G . 10.33 -14.79 -5.50
HO3N NDP G . 11.06 -16.33 -4.01
H2D NDP G . 8.26 -14.77 -4.49
HO2N NDP G . 8.36 -16.42 -2.90
H1D NDP G . 9.59 -14.70 -1.91
H2N NDP G . 7.97 -14.88 -0.32
H71N NDP G . 6.16 -15.01 2.60
H72N NDP G . 6.91 -14.05 1.77
H41N NDP G . 4.35 -13.42 -0.92
H42N NDP G . 4.38 -14.69 -1.79
H5N NDP G . 4.93 -12.71 -3.08
H6N NDP G . 7.18 -12.70 -3.52
CL CL H . 1.59 -15.27 14.39
K K I . 8.31 7.39 9.00
#